data_4CGC
# 
_entry.id   4CGC 
# 
_audit_conform.dict_name       mmcif_pdbx.dic 
_audit_conform.dict_version    5.398 
_audit_conform.dict_location   http://mmcif.pdb.org/dictionaries/ascii/mmcif_pdbx.dic 
# 
loop_
_database_2.database_id 
_database_2.database_code 
_database_2.pdbx_database_accession 
_database_2.pdbx_DOI 
PDB   4CGC         pdb_00004cgc 10.2210/pdb4cgc/pdb 
PDBE  EBI-59049    ?            ?                   
WWPDB D_1290059049 ?            ?                   
# 
loop_
_pdbx_audit_revision_history.ordinal 
_pdbx_audit_revision_history.data_content_type 
_pdbx_audit_revision_history.major_revision 
_pdbx_audit_revision_history.minor_revision 
_pdbx_audit_revision_history.revision_date 
1 'Structure model' 1 0 2014-12-10 
2 'Structure model' 1 1 2015-03-18 
3 'Structure model' 1 2 2015-04-29 
4 'Structure model' 1 3 2024-11-06 
# 
_pdbx_audit_revision_details.ordinal             1 
_pdbx_audit_revision_details.revision_ordinal    1 
_pdbx_audit_revision_details.data_content_type   'Structure model' 
_pdbx_audit_revision_details.provider            repository 
_pdbx_audit_revision_details.type                'Initial release' 
_pdbx_audit_revision_details.description         ? 
_pdbx_audit_revision_details.details             ? 
# 
loop_
_pdbx_audit_revision_group.ordinal 
_pdbx_audit_revision_group.revision_ordinal 
_pdbx_audit_revision_group.data_content_type 
_pdbx_audit_revision_group.group 
1 2 'Structure model' 'Database references'  
2 3 'Structure model' 'Database references'  
3 4 'Structure model' 'Data collection'      
4 4 'Structure model' 'Database references'  
5 4 'Structure model' 'Derived calculations' 
6 4 'Structure model' Other                  
7 4 'Structure model' 'Structure summary'    
# 
loop_
_pdbx_audit_revision_category.ordinal 
_pdbx_audit_revision_category.revision_ordinal 
_pdbx_audit_revision_category.data_content_type 
_pdbx_audit_revision_category.category 
1 4 'Structure model' chem_comp_atom            
2 4 'Structure model' chem_comp_bond            
3 4 'Structure model' database_2                
4 4 'Structure model' pdbx_database_status      
5 4 'Structure model' pdbx_entry_details        
6 4 'Structure model' pdbx_modification_feature 
7 4 'Structure model' struct_conn               
# 
loop_
_pdbx_audit_revision_item.ordinal 
_pdbx_audit_revision_item.revision_ordinal 
_pdbx_audit_revision_item.data_content_type 
_pdbx_audit_revision_item.item 
1 4 'Structure model' '_database_2.pdbx_DOI'                 
2 4 'Structure model' '_database_2.pdbx_database_accession'  
3 4 'Structure model' '_pdbx_database_status.status_code_sf' 
4 4 'Structure model' '_struct_conn.pdbx_leaving_atom_flag'  
# 
_pdbx_database_status.status_code                     REL 
_pdbx_database_status.entry_id                        4CGC 
_pdbx_database_status.deposit_site                    PDBE 
_pdbx_database_status.process_site                    PDBE 
_pdbx_database_status.SG_entry                        . 
_pdbx_database_status.recvd_initial_deposition_date   2013-11-21 
_pdbx_database_status.pdb_format_compatible           Y 
_pdbx_database_status.status_code_sf                  REL 
_pdbx_database_status.status_code_mr                  ? 
_pdbx_database_status.status_code_cs                  ? 
_pdbx_database_status.methods_development_category    ? 
_pdbx_database_status.status_code_nmr_data            ? 
# 
_pdbx_database_related.db_name        PDB 
_pdbx_database_related.db_id          4CGB 
_pdbx_database_related.content_type   unspecified 
_pdbx_database_related.details        'CRYSTAL STRUCTURE OF THE TRIMERIZATION DOMAIN OF EML2' 
# 
loop_
_audit_author.name 
_audit_author.pdbx_ordinal 
'Richards, M.W.' 1 
'Bayliss, R.'    2 
# 
_citation.id                        primary 
_citation.title                     
'Microtubule Association of Eml Proteins and the Eml4-Alk Variant 3 Oncoprotein Require an N-Terminal Trimerization Domain.' 
_citation.journal_abbrev            Biochem.J. 
_citation.journal_volume            467 
_citation.page_first                529 
_citation.page_last                 ? 
_citation.year                      2015 
_citation.journal_id_ASTM           BIJOAK 
_citation.country                   UK 
_citation.journal_id_ISSN           0264-6021 
_citation.journal_id_CSD            0043 
_citation.book_publisher            ? 
_citation.pdbx_database_id_PubMed   25740311 
_citation.pdbx_database_id_DOI      10.1042/BJ20150039 
# 
loop_
_citation_author.citation_id 
_citation_author.name 
_citation_author.ordinal 
_citation_author.identifier_ORCID 
primary 'Richards, M.W.'   1 ? 
primary 
;O'Regan, L.
;
2 ? 
primary 'Roth, D.'         3 ? 
primary 'Montgomery, J.M.' 4 ? 
primary 'Straube, A.'      5 ? 
primary 'Fry, A.M.'        6 ? 
primary 'Bayliss, R.'      7 ? 
# 
_entity.id                         1 
_entity.type                       polymer 
_entity.src_method                 man 
_entity.pdbx_description           'ECHINODERM MICROTUBULE-ASSOCIATED PROTEIN-LIKE 4' 
_entity.formula_weight             6409.938 
_entity.pdbx_number_of_molecules   3 
_entity.pdbx_ec                    ? 
_entity.pdbx_mutation              YES 
_entity.pdbx_fragment              'TRIMERIZATION DOMAIN, RESIDUES 6-64' 
_entity.details                    ? 
# 
_entity_name_com.entity_id   1 
_entity_name_com.name        
;EMAP-4, RESTRICTEDLY OVEREXPRESSED PROLIFERATION-ASSOCIATED PROTEIN, ROPP 120, ECHINODERM MICROTUBULE ASSOCIATED PROTEIN-LIKE PROTEIN 4
;
# 
_entity_poly.entity_id                      1 
_entity_poly.type                           'polypeptide(L)' 
_entity_poly.nstd_linkage                   no 
_entity_poly.nstd_monomer                   yes 
_entity_poly.pdbx_seq_one_letter_code       'GSLDDSISAASTSDVQDRLSALESRVQQQEDE(MSE)TVLKAALADVLRRLAISEDHVASVKK' 
_entity_poly.pdbx_seq_one_letter_code_can   GSLDDSISAASTSDVQDRLSALESRVQQQEDEMTVLKAALADVLRRLAISEDHVASVKK 
_entity_poly.pdbx_strand_id                 A,B,C 
_entity_poly.pdbx_target_identifier         ? 
# 
loop_
_entity_poly_seq.entity_id 
_entity_poly_seq.num 
_entity_poly_seq.mon_id 
_entity_poly_seq.hetero 
1 1  GLY n 
1 2  SER n 
1 3  LEU n 
1 4  ASP n 
1 5  ASP n 
1 6  SER n 
1 7  ILE n 
1 8  SER n 
1 9  ALA n 
1 10 ALA n 
1 11 SER n 
1 12 THR n 
1 13 SER n 
1 14 ASP n 
1 15 VAL n 
1 16 GLN n 
1 17 ASP n 
1 18 ARG n 
1 19 LEU n 
1 20 SER n 
1 21 ALA n 
1 22 LEU n 
1 23 GLU n 
1 24 SER n 
1 25 ARG n 
1 26 VAL n 
1 27 GLN n 
1 28 GLN n 
1 29 GLN n 
1 30 GLU n 
1 31 ASP n 
1 32 GLU n 
1 33 MSE n 
1 34 THR n 
1 35 VAL n 
1 36 LEU n 
1 37 LYS n 
1 38 ALA n 
1 39 ALA n 
1 40 LEU n 
1 41 ALA n 
1 42 ASP n 
1 43 VAL n 
1 44 LEU n 
1 45 ARG n 
1 46 ARG n 
1 47 LEU n 
1 48 ALA n 
1 49 ILE n 
1 50 SER n 
1 51 GLU n 
1 52 ASP n 
1 53 HIS n 
1 54 VAL n 
1 55 ALA n 
1 56 SER n 
1 57 VAL n 
1 58 LYS n 
1 59 LYS n 
# 
_entity_src_gen.entity_id                          1 
_entity_src_gen.pdbx_src_id                        1 
_entity_src_gen.pdbx_alt_source_flag               sample 
_entity_src_gen.pdbx_seq_type                      ? 
_entity_src_gen.pdbx_beg_seq_num                   ? 
_entity_src_gen.pdbx_end_seq_num                   ? 
_entity_src_gen.gene_src_common_name               HUMAN 
_entity_src_gen.gene_src_genus                     ? 
_entity_src_gen.pdbx_gene_src_gene                 ? 
_entity_src_gen.gene_src_species                   ? 
_entity_src_gen.gene_src_strain                    ? 
_entity_src_gen.gene_src_tissue                    ? 
_entity_src_gen.gene_src_tissue_fraction           ? 
_entity_src_gen.gene_src_details                   ? 
_entity_src_gen.pdbx_gene_src_fragment             ? 
_entity_src_gen.pdbx_gene_src_scientific_name      'HOMO SAPIENS' 
_entity_src_gen.pdbx_gene_src_ncbi_taxonomy_id     9606 
_entity_src_gen.pdbx_gene_src_variant              ? 
_entity_src_gen.pdbx_gene_src_cell_line            ? 
_entity_src_gen.pdbx_gene_src_atcc                 ? 
_entity_src_gen.pdbx_gene_src_organ                ? 
_entity_src_gen.pdbx_gene_src_organelle            ? 
_entity_src_gen.pdbx_gene_src_cell                 ? 
_entity_src_gen.pdbx_gene_src_cellular_location    ? 
_entity_src_gen.host_org_common_name               ? 
_entity_src_gen.pdbx_host_org_scientific_name      'ESCHERICHIA COLI' 
_entity_src_gen.pdbx_host_org_ncbi_taxonomy_id     469008 
_entity_src_gen.host_org_genus                     ? 
_entity_src_gen.pdbx_host_org_gene                 ? 
_entity_src_gen.pdbx_host_org_organ                ? 
_entity_src_gen.host_org_species                   ? 
_entity_src_gen.pdbx_host_org_tissue               ? 
_entity_src_gen.pdbx_host_org_tissue_fraction      ? 
_entity_src_gen.pdbx_host_org_strain               'BL21(DE3)' 
_entity_src_gen.pdbx_host_org_variant              RIL 
_entity_src_gen.pdbx_host_org_cell_line            ? 
_entity_src_gen.pdbx_host_org_atcc                 ? 
_entity_src_gen.pdbx_host_org_culture_collection   ? 
_entity_src_gen.pdbx_host_org_cell                 ? 
_entity_src_gen.pdbx_host_org_organelle            ? 
_entity_src_gen.pdbx_host_org_cellular_location    ? 
_entity_src_gen.pdbx_host_org_vector_type          PLASMID 
_entity_src_gen.pdbx_host_org_vector               ? 
_entity_src_gen.host_org_details                   ? 
_entity_src_gen.expression_system_id               ? 
_entity_src_gen.plasmid_name                       PET30TEV 
_entity_src_gen.plasmid_details                    ? 
_entity_src_gen.pdbx_description                   ? 
# 
loop_
_chem_comp.id 
_chem_comp.type 
_chem_comp.mon_nstd_flag 
_chem_comp.name 
_chem_comp.pdbx_synonyms 
_chem_comp.formula 
_chem_comp.formula_weight 
ALA 'L-peptide linking' y ALANINE          ? 'C3 H7 N O2'     89.093  
ARG 'L-peptide linking' y ARGININE         ? 'C6 H15 N4 O2 1' 175.209 
ASP 'L-peptide linking' y 'ASPARTIC ACID'  ? 'C4 H7 N O4'     133.103 
GLN 'L-peptide linking' y GLUTAMINE        ? 'C5 H10 N2 O3'   146.144 
GLU 'L-peptide linking' y 'GLUTAMIC ACID'  ? 'C5 H9 N O4'     147.129 
GLY 'peptide linking'   y GLYCINE          ? 'C2 H5 N O2'     75.067  
HIS 'L-peptide linking' y HISTIDINE        ? 'C6 H10 N3 O2 1' 156.162 
ILE 'L-peptide linking' y ISOLEUCINE       ? 'C6 H13 N O2'    131.173 
LEU 'L-peptide linking' y LEUCINE          ? 'C6 H13 N O2'    131.173 
LYS 'L-peptide linking' y LYSINE           ? 'C6 H15 N2 O2 1' 147.195 
MSE 'L-peptide linking' n SELENOMETHIONINE ? 'C5 H11 N O2 Se' 196.106 
SER 'L-peptide linking' y SERINE           ? 'C3 H7 N O3'     105.093 
THR 'L-peptide linking' y THREONINE        ? 'C4 H9 N O3'     119.119 
VAL 'L-peptide linking' y VALINE           ? 'C5 H11 N O2'    117.146 
# 
loop_
_pdbx_poly_seq_scheme.asym_id 
_pdbx_poly_seq_scheme.entity_id 
_pdbx_poly_seq_scheme.seq_id 
_pdbx_poly_seq_scheme.mon_id 
_pdbx_poly_seq_scheme.ndb_seq_num 
_pdbx_poly_seq_scheme.pdb_seq_num 
_pdbx_poly_seq_scheme.auth_seq_num 
_pdbx_poly_seq_scheme.pdb_mon_id 
_pdbx_poly_seq_scheme.auth_mon_id 
_pdbx_poly_seq_scheme.pdb_strand_id 
_pdbx_poly_seq_scheme.pdb_ins_code 
_pdbx_poly_seq_scheme.hetero 
A 1 1  GLY 1  6  ?  ?   ?   A . n 
A 1 2  SER 2  7  ?  ?   ?   A . n 
A 1 3  LEU 3  8  ?  ?   ?   A . n 
A 1 4  ASP 4  9  ?  ?   ?   A . n 
A 1 5  ASP 5  10 ?  ?   ?   A . n 
A 1 6  SER 6  11 ?  ?   ?   A . n 
A 1 7  ILE 7  12 ?  ?   ?   A . n 
A 1 8  SER 8  13 ?  ?   ?   A . n 
A 1 9  ALA 9  14 ?  ?   ?   A . n 
A 1 10 ALA 10 15 ?  ?   ?   A . n 
A 1 11 SER 11 16 ?  ?   ?   A . n 
A 1 12 THR 12 17 17 THR THR A . n 
A 1 13 SER 13 18 18 SER SER A . n 
A 1 14 ASP 14 19 19 ASP ASP A . n 
A 1 15 VAL 15 20 20 VAL VAL A . n 
A 1 16 GLN 16 21 21 GLN GLN A . n 
A 1 17 ASP 17 22 22 ASP ASP A . n 
A 1 18 ARG 18 23 23 ARG ARG A . n 
A 1 19 LEU 19 24 24 LEU LEU A . n 
A 1 20 SER 20 25 25 SER SER A . n 
A 1 21 ALA 21 26 26 ALA ALA A . n 
A 1 22 LEU 22 27 27 LEU LEU A . n 
A 1 23 GLU 23 28 28 GLU GLU A . n 
A 1 24 SER 24 29 29 SER SER A . n 
A 1 25 ARG 25 30 30 ARG ARG A . n 
A 1 26 VAL 26 31 31 VAL VAL A . n 
A 1 27 GLN 27 32 32 GLN GLN A . n 
A 1 28 GLN 28 33 33 GLN GLN A . n 
A 1 29 GLN 29 34 34 GLN GLN A . n 
A 1 30 GLU 30 35 35 GLU GLU A . n 
A 1 31 ASP 31 36 36 ASP ASP A . n 
A 1 32 GLU 32 37 37 GLU GLU A . n 
A 1 33 MSE 33 38 38 MSE MSE A . n 
A 1 34 THR 34 39 39 THR THR A . n 
A 1 35 VAL 35 40 40 VAL VAL A . n 
A 1 36 LEU 36 41 41 LEU LEU A . n 
A 1 37 LYS 37 42 42 LYS LYS A . n 
A 1 38 ALA 38 43 43 ALA ALA A . n 
A 1 39 ALA 39 44 44 ALA ALA A . n 
A 1 40 LEU 40 45 ?  ?   ?   A . n 
A 1 41 ALA 41 46 ?  ?   ?   A . n 
A 1 42 ASP 42 47 ?  ?   ?   A . n 
A 1 43 VAL 43 48 ?  ?   ?   A . n 
A 1 44 LEU 44 49 ?  ?   ?   A . n 
A 1 45 ARG 45 50 ?  ?   ?   A . n 
A 1 46 ARG 46 51 ?  ?   ?   A . n 
A 1 47 LEU 47 52 ?  ?   ?   A . n 
A 1 48 ALA 48 53 ?  ?   ?   A . n 
A 1 49 ILE 49 54 ?  ?   ?   A . n 
A 1 50 SER 50 55 ?  ?   ?   A . n 
A 1 51 GLU 51 56 ?  ?   ?   A . n 
A 1 52 ASP 52 57 ?  ?   ?   A . n 
A 1 53 HIS 53 58 ?  ?   ?   A . n 
A 1 54 VAL 54 59 ?  ?   ?   A . n 
A 1 55 ALA 55 60 ?  ?   ?   A . n 
A 1 56 SER 56 61 ?  ?   ?   A . n 
A 1 57 VAL 57 62 ?  ?   ?   A . n 
A 1 58 LYS 58 63 ?  ?   ?   A . n 
A 1 59 LYS 59 64 ?  ?   ?   A . n 
B 1 1  GLY 1  6  ?  ?   ?   B . n 
B 1 2  SER 2  7  ?  ?   ?   B . n 
B 1 3  LEU 3  8  ?  ?   ?   B . n 
B 1 4  ASP 4  9  ?  ?   ?   B . n 
B 1 5  ASP 5  10 ?  ?   ?   B . n 
B 1 6  SER 6  11 ?  ?   ?   B . n 
B 1 7  ILE 7  12 ?  ?   ?   B . n 
B 1 8  SER 8  13 ?  ?   ?   B . n 
B 1 9  ALA 9  14 ?  ?   ?   B . n 
B 1 10 ALA 10 15 ?  ?   ?   B . n 
B 1 11 SER 11 16 ?  ?   ?   B . n 
B 1 12 THR 12 17 ?  ?   ?   B . n 
B 1 13 SER 13 18 ?  ?   ?   B . n 
B 1 14 ASP 14 19 19 ASP ASP B . n 
B 1 15 VAL 15 20 20 VAL VAL B . n 
B 1 16 GLN 16 21 21 GLN GLN B . n 
B 1 17 ASP 17 22 22 ASP ASP B . n 
B 1 18 ARG 18 23 23 ARG ARG B . n 
B 1 19 LEU 19 24 24 LEU LEU B . n 
B 1 20 SER 20 25 25 SER SER B . n 
B 1 21 ALA 21 26 26 ALA ALA B . n 
B 1 22 LEU 22 27 27 LEU LEU B . n 
B 1 23 GLU 23 28 28 GLU GLU B . n 
B 1 24 SER 24 29 29 SER SER B . n 
B 1 25 ARG 25 30 30 ARG ARG B . n 
B 1 26 VAL 26 31 31 VAL VAL B . n 
B 1 27 GLN 27 32 32 GLN GLN B . n 
B 1 28 GLN 28 33 33 GLN GLN B . n 
B 1 29 GLN 29 34 34 GLN GLN B . n 
B 1 30 GLU 30 35 35 GLU GLU B . n 
B 1 31 ASP 31 36 36 ASP ASP B . n 
B 1 32 GLU 32 37 37 GLU GLU B . n 
B 1 33 MSE 33 38 38 MSE MSE B . n 
B 1 34 THR 34 39 39 THR THR B . n 
B 1 35 VAL 35 40 40 VAL VAL B . n 
B 1 36 LEU 36 41 41 LEU LEU B . n 
B 1 37 LYS 37 42 42 LYS LYS B . n 
B 1 38 ALA 38 43 43 ALA ALA B . n 
B 1 39 ALA 39 44 44 ALA ALA B . n 
B 1 40 LEU 40 45 ?  ?   ?   B . n 
B 1 41 ALA 41 46 ?  ?   ?   B . n 
B 1 42 ASP 42 47 ?  ?   ?   B . n 
B 1 43 VAL 43 48 ?  ?   ?   B . n 
B 1 44 LEU 44 49 ?  ?   ?   B . n 
B 1 45 ARG 45 50 ?  ?   ?   B . n 
B 1 46 ARG 46 51 ?  ?   ?   B . n 
B 1 47 LEU 47 52 ?  ?   ?   B . n 
B 1 48 ALA 48 53 ?  ?   ?   B . n 
B 1 49 ILE 49 54 ?  ?   ?   B . n 
B 1 50 SER 50 55 ?  ?   ?   B . n 
B 1 51 GLU 51 56 ?  ?   ?   B . n 
B 1 52 ASP 52 57 ?  ?   ?   B . n 
B 1 53 HIS 53 58 ?  ?   ?   B . n 
B 1 54 VAL 54 59 ?  ?   ?   B . n 
B 1 55 ALA 55 60 ?  ?   ?   B . n 
B 1 56 SER 56 61 ?  ?   ?   B . n 
B 1 57 VAL 57 62 ?  ?   ?   B . n 
B 1 58 LYS 58 63 ?  ?   ?   B . n 
B 1 59 LYS 59 64 ?  ?   ?   B . n 
C 1 1  GLY 1  6  ?  ?   ?   C . n 
C 1 2  SER 2  7  ?  ?   ?   C . n 
C 1 3  LEU 3  8  ?  ?   ?   C . n 
C 1 4  ASP 4  9  ?  ?   ?   C . n 
C 1 5  ASP 5  10 ?  ?   ?   C . n 
C 1 6  SER 6  11 ?  ?   ?   C . n 
C 1 7  ILE 7  12 ?  ?   ?   C . n 
C 1 8  SER 8  13 ?  ?   ?   C . n 
C 1 9  ALA 9  14 ?  ?   ?   C . n 
C 1 10 ALA 10 15 ?  ?   ?   C . n 
C 1 11 SER 11 16 16 SER SER C . n 
C 1 12 THR 12 17 17 THR THR C . n 
C 1 13 SER 13 18 18 SER SER C . n 
C 1 14 ASP 14 19 19 ASP ASP C . n 
C 1 15 VAL 15 20 20 VAL VAL C . n 
C 1 16 GLN 16 21 21 GLN GLN C . n 
C 1 17 ASP 17 22 22 ASP ASP C . n 
C 1 18 ARG 18 23 23 ARG ARG C . n 
C 1 19 LEU 19 24 24 LEU LEU C . n 
C 1 20 SER 20 25 25 SER SER C . n 
C 1 21 ALA 21 26 26 ALA ALA C . n 
C 1 22 LEU 22 27 27 LEU LEU C . n 
C 1 23 GLU 23 28 28 GLU GLU C . n 
C 1 24 SER 24 29 29 SER SER C . n 
C 1 25 ARG 25 30 30 ARG ARG C . n 
C 1 26 VAL 26 31 31 VAL VAL C . n 
C 1 27 GLN 27 32 32 GLN GLN C . n 
C 1 28 GLN 28 33 33 GLN GLN C . n 
C 1 29 GLN 29 34 34 GLN GLN C . n 
C 1 30 GLU 30 35 35 GLU GLU C . n 
C 1 31 ASP 31 36 36 ASP ASP C . n 
C 1 32 GLU 32 37 37 GLU GLU C . n 
C 1 33 MSE 33 38 38 MSE MSE C . n 
C 1 34 THR 34 39 39 THR THR C . n 
C 1 35 VAL 35 40 40 VAL VAL C . n 
C 1 36 LEU 36 41 41 LEU LEU C . n 
C 1 37 LYS 37 42 42 LYS LYS C . n 
C 1 38 ALA 38 43 43 ALA ALA C . n 
C 1 39 ALA 39 44 44 ALA ALA C . n 
C 1 40 LEU 40 45 ?  ?   ?   C . n 
C 1 41 ALA 41 46 ?  ?   ?   C . n 
C 1 42 ASP 42 47 ?  ?   ?   C . n 
C 1 43 VAL 43 48 ?  ?   ?   C . n 
C 1 44 LEU 44 49 ?  ?   ?   C . n 
C 1 45 ARG 45 50 ?  ?   ?   C . n 
C 1 46 ARG 46 51 ?  ?   ?   C . n 
C 1 47 LEU 47 52 ?  ?   ?   C . n 
C 1 48 ALA 48 53 ?  ?   ?   C . n 
C 1 49 ILE 49 54 ?  ?   ?   C . n 
C 1 50 SER 50 55 ?  ?   ?   C . n 
C 1 51 GLU 51 56 ?  ?   ?   C . n 
C 1 52 ASP 52 57 ?  ?   ?   C . n 
C 1 53 HIS 53 58 ?  ?   ?   C . n 
C 1 54 VAL 54 59 ?  ?   ?   C . n 
C 1 55 ALA 55 60 ?  ?   ?   C . n 
C 1 56 SER 56 61 ?  ?   ?   C . n 
C 1 57 VAL 57 62 ?  ?   ?   C . n 
C 1 58 LYS 58 63 ?  ?   ?   C . n 
C 1 59 LYS 59 64 ?  ?   ?   C . n 
# 
loop_
_pdbx_unobs_or_zero_occ_atoms.id 
_pdbx_unobs_or_zero_occ_atoms.PDB_model_num 
_pdbx_unobs_or_zero_occ_atoms.polymer_flag 
_pdbx_unobs_or_zero_occ_atoms.occupancy_flag 
_pdbx_unobs_or_zero_occ_atoms.auth_asym_id 
_pdbx_unobs_or_zero_occ_atoms.auth_comp_id 
_pdbx_unobs_or_zero_occ_atoms.auth_seq_id 
_pdbx_unobs_or_zero_occ_atoms.PDB_ins_code 
_pdbx_unobs_or_zero_occ_atoms.auth_atom_id 
_pdbx_unobs_or_zero_occ_atoms.label_alt_id 
_pdbx_unobs_or_zero_occ_atoms.label_asym_id 
_pdbx_unobs_or_zero_occ_atoms.label_comp_id 
_pdbx_unobs_or_zero_occ_atoms.label_seq_id 
_pdbx_unobs_or_zero_occ_atoms.label_atom_id 
1 1 Y 1 A THR 17 ? OG1 ? A THR 12 OG1 
2 1 Y 1 A THR 17 ? CG2 ? A THR 12 CG2 
3 1 Y 1 C SER 16 ? OG  ? C SER 11 OG  
4 1 Y 1 C THR 17 ? OG1 ? C THR 12 OG1 
5 1 Y 1 C THR 17 ? CG2 ? C THR 12 CG2 
6 1 Y 1 C SER 18 ? OG  ? C SER 13 OG  
# 
loop_
_software.name 
_software.classification 
_software.version 
_software.citation_id 
_software.pdbx_ordinal 
PHENIX refinement       '(PHENIX.REFINE)' ? 1 
MOSFLM 'data reduction' .                 ? 2 
SCALA  'data scaling'   .                 ? 3 
SCALA  phasing          .                 ? 4 
# 
_cell.entry_id           4CGC 
_cell.length_a           67.491 
_cell.length_b           67.491 
_cell.length_c           50.600 
_cell.angle_alpha        90.00 
_cell.angle_beta         90.00 
_cell.angle_gamma        90.00 
_cell.Z_PDB              24 
_cell.pdbx_unique_axis   ? 
# 
_symmetry.entry_id                         4CGC 
_symmetry.space_group_name_H-M             'P 43 21 2' 
_symmetry.pdbx_full_space_group_name_H-M   ? 
_symmetry.cell_setting                     ? 
_symmetry.Int_Tables_number                96 
# 
_exptl.entry_id          4CGC 
_exptl.method            'X-RAY DIFFRACTION' 
_exptl.crystals_number   1 
# 
_exptl_crystal.id                    1 
_exptl_crystal.density_meas          ? 
_exptl_crystal.density_Matthews      1.51 
_exptl_crystal.density_percent_sol   18.61 
_exptl_crystal.description           NONE 
# 
_exptl_crystal_grow.crystal_id      1 
_exptl_crystal_grow.method          ? 
_exptl_crystal_grow.temp            ? 
_exptl_crystal_grow.temp_details    ? 
_exptl_crystal_grow.pH              8.5 
_exptl_crystal_grow.pdbx_pH_range   ? 
_exptl_crystal_grow.pdbx_details    '100 MM TRIS/HCL PH 8.5, 30% PEG 4000, 200 MM MGCL2' 
# 
_diffrn.id                     1 
_diffrn.ambient_temp           100 
_diffrn.ambient_temp_details   ? 
_diffrn.crystal_id             1 
# 
_diffrn_detector.diffrn_id              1 
_diffrn_detector.detector               PIXEL 
_diffrn_detector.type                   'DECTRIS PILATUS' 
_diffrn_detector.pdbx_collection_date   2013-04-29 
_diffrn_detector.details                ? 
# 
_diffrn_radiation.diffrn_id                        1 
_diffrn_radiation.wavelength_id                    1 
_diffrn_radiation.pdbx_monochromatic_or_laue_m_l   M 
_diffrn_radiation.monochromator                    ? 
_diffrn_radiation.pdbx_diffrn_protocol             'SINGLE WAVELENGTH' 
_diffrn_radiation.pdbx_scattering_type             x-ray 
# 
_diffrn_radiation_wavelength.id           1 
_diffrn_radiation_wavelength.wavelength   0.9796 
_diffrn_radiation_wavelength.wt           1.0 
# 
_diffrn_source.diffrn_id                   1 
_diffrn_source.source                      SYNCHROTRON 
_diffrn_source.type                        'DIAMOND BEAMLINE I02' 
_diffrn_source.pdbx_synchrotron_site       Diamond 
_diffrn_source.pdbx_synchrotron_beamline   I02 
_diffrn_source.pdbx_wavelength             0.9796 
_diffrn_source.pdbx_wavelength_list        ? 
# 
_reflns.pdbx_diffrn_id               1 
_reflns.pdbx_ordinal                 1 
_reflns.entry_id                     4CGC 
_reflns.observed_criterion_sigma_I   2.0 
_reflns.observed_criterion_sigma_F   ? 
_reflns.d_resolution_low             67.49 
_reflns.d_resolution_high            2.90 
_reflns.number_obs                   2864 
_reflns.number_all                   ? 
_reflns.percent_possible_obs         100.0 
_reflns.pdbx_Rmerge_I_obs            0.13 
_reflns.pdbx_Rsym_value              ? 
_reflns.pdbx_netI_over_sigmaI        13.30 
_reflns.B_iso_Wilson_estimate        ? 
_reflns.pdbx_redundancy              13.4 
# 
_reflns_shell.pdbx_diffrn_id         1 
_reflns_shell.pdbx_ordinal           1 
_reflns_shell.d_res_high             2.90 
_reflns_shell.d_res_low              3.06 
_reflns_shell.percent_possible_all   100.0 
_reflns_shell.Rmerge_I_obs           1.25 
_reflns_shell.pdbx_Rsym_value        ? 
_reflns_shell.meanI_over_sigI_obs    3.10 
_reflns_shell.pdbx_redundancy        14.4 
# 
_refine.pdbx_refine_id                           'X-RAY DIFFRACTION' 
_refine.entry_id                                 4CGC 
_refine.pdbx_diffrn_id                           1 
_refine.pdbx_TLS_residual_ADP_flag               ? 
_refine.ls_number_reflns_obs                     4949 
_refine.ls_number_reflns_all                     ? 
_refine.pdbx_ls_sigma_I                          ? 
_refine.pdbx_ls_sigma_F                          1.38 
_refine.pdbx_data_cutoff_high_absF               ? 
_refine.pdbx_data_cutoff_low_absF                ? 
_refine.pdbx_data_cutoff_high_rms_absF           ? 
_refine.ls_d_res_low                             47.723 
_refine.ls_d_res_high                            2.901 
_refine.ls_percent_reflns_obs                    99.98 
_refine.ls_R_factor_obs                          0.2687 
_refine.ls_R_factor_all                          ? 
_refine.ls_R_factor_R_work                       0.2675 
_refine.ls_R_factor_R_free                       0.2915 
_refine.ls_R_factor_R_free_error                 ? 
_refine.ls_R_factor_R_free_error_details         ? 
_refine.ls_percent_reflns_R_free                 4.6 
_refine.ls_number_reflns_R_free                  228 
_refine.ls_number_parameters                     ? 
_refine.ls_number_restraints                     ? 
_refine.occupancy_min                            ? 
_refine.occupancy_max                            ? 
_refine.correlation_coeff_Fo_to_Fc               ? 
_refine.correlation_coeff_Fo_to_Fc_free          ? 
_refine.B_iso_mean                               ? 
_refine.aniso_B[1][1]                            ? 
_refine.aniso_B[2][2]                            ? 
_refine.aniso_B[3][3]                            ? 
_refine.aniso_B[1][2]                            ? 
_refine.aniso_B[1][3]                            ? 
_refine.aniso_B[2][3]                            ? 
_refine.solvent_model_details                    'FLAT BULK SOLVENT MODEL' 
_refine.solvent_model_param_ksol                 ? 
_refine.solvent_model_param_bsol                 ? 
_refine.pdbx_solvent_vdw_probe_radii             1.11 
_refine.pdbx_solvent_ion_probe_radii             ? 
_refine.pdbx_solvent_shrinkage_radii             0.90 
_refine.pdbx_ls_cross_valid_method               ? 
_refine.details                                  
'ONLY RESIDUES 16-44 ARE VISIBLE IN THE ELECTION DENSITY. RESIDUES 6-15 AND 45-64 WERE NOT MODELLED.' 
_refine.pdbx_starting_model                      NONE 
_refine.pdbx_method_to_determine_struct          SAD 
_refine.pdbx_isotropic_thermal_model             ? 
_refine.pdbx_stereochemistry_target_values       ML 
_refine.pdbx_stereochem_target_val_spec_case     ? 
_refine.pdbx_R_Free_selection_details            ? 
_refine.pdbx_overall_ESU_R                       ? 
_refine.pdbx_overall_ESU_R_Free                  ? 
_refine.overall_SU_ML                            0.41 
_refine.pdbx_overall_phase_error                 37.35 
_refine.overall_SU_B                             ? 
_refine.overall_SU_R_Cruickshank_DPI             ? 
_refine.pdbx_overall_SU_R_free_Cruickshank_DPI   ? 
_refine.pdbx_overall_SU_R_Blow_DPI               ? 
_refine.pdbx_overall_SU_R_free_Blow_DPI          ? 
# 
_refine_hist.pdbx_refine_id                   'X-RAY DIFFRACTION' 
_refine_hist.cycle_id                         LAST 
_refine_hist.pdbx_number_atoms_protein        641 
_refine_hist.pdbx_number_atoms_nucleic_acid   0 
_refine_hist.pdbx_number_atoms_ligand         0 
_refine_hist.number_atoms_solvent             0 
_refine_hist.number_atoms_total               641 
_refine_hist.d_res_high                       2.901 
_refine_hist.d_res_low                        47.723 
# 
loop_
_refine_ls_restr.type 
_refine_ls_restr.dev_ideal 
_refine_ls_restr.dev_ideal_target 
_refine_ls_restr.weight 
_refine_ls_restr.number 
_refine_ls_restr.pdbx_refine_id 
_refine_ls_restr.pdbx_restraint_function 
f_bond_d           0.006  ? ? 651 'X-RAY DIFFRACTION' ? 
f_angle_d          1.020  ? ? 875 'X-RAY DIFFRACTION' ? 
f_dihedral_angle_d 23.604 ? ? 259 'X-RAY DIFFRACTION' ? 
f_chiral_restr     0.052  ? ? 106 'X-RAY DIFFRACTION' ? 
f_plane_restr      0.005  ? ? 119 'X-RAY DIFFRACTION' ? 
# 
loop_
_refine_ls_shell.pdbx_refine_id 
_refine_ls_shell.pdbx_total_number_of_bins_used 
_refine_ls_shell.d_res_high 
_refine_ls_shell.d_res_low 
_refine_ls_shell.number_reflns_R_work 
_refine_ls_shell.R_factor_R_work 
_refine_ls_shell.percent_reflns_obs 
_refine_ls_shell.R_factor_R_free 
_refine_ls_shell.R_factor_R_free_error 
_refine_ls_shell.percent_reflns_R_free 
_refine_ls_shell.number_reflns_R_free 
_refine_ls_shell.number_reflns_all 
_refine_ls_shell.R_factor_all 
'X-RAY DIFFRACTION' . 2.9014 3.6552  2366 0.3012 100.00 0.3861 . . 108 . . 
'X-RAY DIFFRACTION' . 3.6552 47.7299 2355 0.2558 100.00 0.2613 . . 120 . . 
# 
_struct.entry_id                  4CGC 
_struct.title                     'Crystal structure of the trimerization domain of human EML4' 
_struct.pdbx_model_details        ? 
_struct.pdbx_CASP_flag            ? 
_struct.pdbx_model_type_details   ? 
# 
_struct_keywords.entry_id        4CGC 
_struct_keywords.pdbx_keywords   'CELL CYCLE' 
_struct_keywords.text            'CELL CYCLE, EML4-ALK, NSCLC, COILED-COIL' 
# 
loop_
_struct_asym.id 
_struct_asym.pdbx_blank_PDB_chainid_flag 
_struct_asym.pdbx_modified 
_struct_asym.entity_id 
_struct_asym.details 
A N N 1 ? 
B N N 1 ? 
C N N 1 ? 
# 
_struct_ref.id                         1 
_struct_ref.db_name                    UNP 
_struct_ref.db_code                    EMAL4_HUMAN 
_struct_ref.entity_id                  1 
_struct_ref.pdbx_seq_one_letter_code   ? 
_struct_ref.pdbx_align_begin           ? 
_struct_ref.pdbx_db_accession          Q9HC35 
_struct_ref.pdbx_db_isoform            ? 
# 
loop_
_struct_ref_seq.align_id 
_struct_ref_seq.ref_id 
_struct_ref_seq.pdbx_PDB_id_code 
_struct_ref_seq.pdbx_strand_id 
_struct_ref_seq.seq_align_beg 
_struct_ref_seq.pdbx_seq_align_beg_ins_code 
_struct_ref_seq.seq_align_end 
_struct_ref_seq.pdbx_seq_align_end_ins_code 
_struct_ref_seq.pdbx_db_accession 
_struct_ref_seq.db_align_beg 
_struct_ref_seq.pdbx_db_align_beg_ins_code 
_struct_ref_seq.db_align_end 
_struct_ref_seq.pdbx_db_align_end_ins_code 
_struct_ref_seq.pdbx_auth_seq_align_beg 
_struct_ref_seq.pdbx_auth_seq_align_end 
1 1 4CGC A 1 ? 59 ? Q9HC35 6 ? 64 ? 6 64 
2 1 4CGC B 1 ? 59 ? Q9HC35 6 ? 64 ? 6 64 
3 1 4CGC C 1 ? 59 ? Q9HC35 6 ? 64 ? 6 64 
# 
loop_
_struct_ref_seq_dif.align_id 
_struct_ref_seq_dif.pdbx_pdb_id_code 
_struct_ref_seq_dif.mon_id 
_struct_ref_seq_dif.pdbx_pdb_strand_id 
_struct_ref_seq_dif.seq_num 
_struct_ref_seq_dif.pdbx_pdb_ins_code 
_struct_ref_seq_dif.pdbx_seq_db_name 
_struct_ref_seq_dif.pdbx_seq_db_accession_code 
_struct_ref_seq_dif.db_mon_id 
_struct_ref_seq_dif.pdbx_seq_db_seq_num 
_struct_ref_seq_dif.details 
_struct_ref_seq_dif.pdbx_auth_seq_num 
_struct_ref_seq_dif.pdbx_ordinal 
1 4CGC MSE A 33 ? UNP Q9HC35 ILE 38 'engineered mutation' 38 1 
2 4CGC MSE B 33 ? UNP Q9HC35 ILE 38 'engineered mutation' 38 2 
3 4CGC MSE C 33 ? UNP Q9HC35 ILE 38 'engineered mutation' 38 3 
# 
_pdbx_struct_assembly.id                   1 
_pdbx_struct_assembly.details              author_and_software_defined_assembly 
_pdbx_struct_assembly.method_details       PISA 
_pdbx_struct_assembly.oligomeric_details   trimeric 
_pdbx_struct_assembly.oligomeric_count     3 
# 
loop_
_pdbx_struct_assembly_prop.biol_id 
_pdbx_struct_assembly_prop.type 
_pdbx_struct_assembly_prop.value 
_pdbx_struct_assembly_prop.details 
1 'ABSA (A^2)' 3230  ? 
1 MORE         -15.0 ? 
1 'SSA (A^2)'  5130  ? 
# 
_pdbx_struct_assembly_gen.assembly_id       1 
_pdbx_struct_assembly_gen.oper_expression   1 
_pdbx_struct_assembly_gen.asym_id_list      A,B,C 
# 
_pdbx_struct_oper_list.id                   1 
_pdbx_struct_oper_list.type                 'identity operation' 
_pdbx_struct_oper_list.name                 1_555 
_pdbx_struct_oper_list.symmetry_operation   x,y,z 
_pdbx_struct_oper_list.matrix[1][1]         1.0000000000 
_pdbx_struct_oper_list.matrix[1][2]         0.0000000000 
_pdbx_struct_oper_list.matrix[1][3]         0.0000000000 
_pdbx_struct_oper_list.vector[1]            0.0000000000 
_pdbx_struct_oper_list.matrix[2][1]         0.0000000000 
_pdbx_struct_oper_list.matrix[2][2]         1.0000000000 
_pdbx_struct_oper_list.matrix[2][3]         0.0000000000 
_pdbx_struct_oper_list.vector[2]            0.0000000000 
_pdbx_struct_oper_list.matrix[3][1]         0.0000000000 
_pdbx_struct_oper_list.matrix[3][2]         0.0000000000 
_pdbx_struct_oper_list.matrix[3][3]         1.0000000000 
_pdbx_struct_oper_list.vector[3]            0.0000000000 
# 
_struct_biol.id   1 
# 
loop_
_struct_conf.conf_type_id 
_struct_conf.id 
_struct_conf.pdbx_PDB_helix_id 
_struct_conf.beg_label_comp_id 
_struct_conf.beg_label_asym_id 
_struct_conf.beg_label_seq_id 
_struct_conf.pdbx_beg_PDB_ins_code 
_struct_conf.end_label_comp_id 
_struct_conf.end_label_asym_id 
_struct_conf.end_label_seq_id 
_struct_conf.pdbx_end_PDB_ins_code 
_struct_conf.beg_auth_comp_id 
_struct_conf.beg_auth_asym_id 
_struct_conf.beg_auth_seq_id 
_struct_conf.end_auth_comp_id 
_struct_conf.end_auth_asym_id 
_struct_conf.end_auth_seq_id 
_struct_conf.pdbx_PDB_helix_class 
_struct_conf.details 
_struct_conf.pdbx_PDB_helix_length 
HELX_P HELX_P1 1 THR A 12 ? ALA A 39 ? THR A 17 ALA A 44 1 ? 28 
HELX_P HELX_P2 2 ASP B 14 ? ALA B 39 ? ASP B 19 ALA B 44 1 ? 26 
HELX_P HELX_P3 3 SER C 11 ? ALA C 39 ? SER C 16 ALA C 44 1 ? 29 
# 
_struct_conf_type.id          HELX_P 
_struct_conf_type.criteria    ? 
_struct_conf_type.reference   ? 
# 
loop_
_struct_conn.id 
_struct_conn.conn_type_id 
_struct_conn.pdbx_leaving_atom_flag 
_struct_conn.pdbx_PDB_id 
_struct_conn.ptnr1_label_asym_id 
_struct_conn.ptnr1_label_comp_id 
_struct_conn.ptnr1_label_seq_id 
_struct_conn.ptnr1_label_atom_id 
_struct_conn.pdbx_ptnr1_label_alt_id 
_struct_conn.pdbx_ptnr1_PDB_ins_code 
_struct_conn.pdbx_ptnr1_standard_comp_id 
_struct_conn.ptnr1_symmetry 
_struct_conn.ptnr2_label_asym_id 
_struct_conn.ptnr2_label_comp_id 
_struct_conn.ptnr2_label_seq_id 
_struct_conn.ptnr2_label_atom_id 
_struct_conn.pdbx_ptnr2_label_alt_id 
_struct_conn.pdbx_ptnr2_PDB_ins_code 
_struct_conn.ptnr1_auth_asym_id 
_struct_conn.ptnr1_auth_comp_id 
_struct_conn.ptnr1_auth_seq_id 
_struct_conn.ptnr2_auth_asym_id 
_struct_conn.ptnr2_auth_comp_id 
_struct_conn.ptnr2_auth_seq_id 
_struct_conn.ptnr2_symmetry 
_struct_conn.pdbx_ptnr3_label_atom_id 
_struct_conn.pdbx_ptnr3_label_seq_id 
_struct_conn.pdbx_ptnr3_label_comp_id 
_struct_conn.pdbx_ptnr3_label_asym_id 
_struct_conn.pdbx_ptnr3_label_alt_id 
_struct_conn.pdbx_ptnr3_PDB_ins_code 
_struct_conn.details 
_struct_conn.pdbx_dist_value 
_struct_conn.pdbx_value_order 
_struct_conn.pdbx_role 
covale1 covale both ? A GLU 32 C ? ? ? 1_555 A MSE 33 N ? ? A GLU 37 A MSE 38 1_555 ? ? ? ? ? ? ? 1.329 ? ? 
covale2 covale both ? A MSE 33 C ? ? ? 1_555 A THR 34 N ? ? A MSE 38 A THR 39 1_555 ? ? ? ? ? ? ? 1.356 ? ? 
covale3 covale both ? B GLU 32 C ? ? ? 1_555 B MSE 33 N ? ? B GLU 37 B MSE 38 1_555 ? ? ? ? ? ? ? 1.331 ? ? 
covale4 covale both ? B MSE 33 C ? ? ? 1_555 B THR 34 N ? ? B MSE 38 B THR 39 1_555 ? ? ? ? ? ? ? 1.331 ? ? 
covale5 covale both ? C GLU 32 C ? ? ? 1_555 C MSE 33 N ? ? C GLU 37 C MSE 38 1_555 ? ? ? ? ? ? ? 1.330 ? ? 
covale6 covale both ? C MSE 33 C ? ? ? 1_555 C THR 34 N ? ? C MSE 38 C THR 39 1_555 ? ? ? ? ? ? ? 1.329 ? ? 
# 
_struct_conn_type.id          covale 
_struct_conn_type.criteria    ? 
_struct_conn_type.reference   ? 
# 
loop_
_pdbx_modification_feature.ordinal 
_pdbx_modification_feature.label_comp_id 
_pdbx_modification_feature.label_asym_id 
_pdbx_modification_feature.label_seq_id 
_pdbx_modification_feature.label_alt_id 
_pdbx_modification_feature.modified_residue_label_comp_id 
_pdbx_modification_feature.modified_residue_label_asym_id 
_pdbx_modification_feature.modified_residue_label_seq_id 
_pdbx_modification_feature.modified_residue_label_alt_id 
_pdbx_modification_feature.auth_comp_id 
_pdbx_modification_feature.auth_asym_id 
_pdbx_modification_feature.auth_seq_id 
_pdbx_modification_feature.PDB_ins_code 
_pdbx_modification_feature.symmetry 
_pdbx_modification_feature.modified_residue_auth_comp_id 
_pdbx_modification_feature.modified_residue_auth_asym_id 
_pdbx_modification_feature.modified_residue_auth_seq_id 
_pdbx_modification_feature.modified_residue_PDB_ins_code 
_pdbx_modification_feature.modified_residue_symmetry 
_pdbx_modification_feature.comp_id_linking_atom 
_pdbx_modification_feature.modified_residue_id_linking_atom 
_pdbx_modification_feature.modified_residue_id 
_pdbx_modification_feature.ref_pcm_id 
_pdbx_modification_feature.ref_comp_id 
_pdbx_modification_feature.type 
_pdbx_modification_feature.category 
1 MSE A 33 ? . . . . MSE A 38 ? 1_555 . . . . . . . MET 1 MSE Selenomethionine 'Named protein modification' 
2 MSE B 33 ? . . . . MSE B 38 ? 1_555 . . . . . . . MET 1 MSE Selenomethionine 'Named protein modification' 
3 MSE C 33 ? . . . . MSE C 38 ? 1_555 . . . . . . . MET 1 MSE Selenomethionine 'Named protein modification' 
# 
_pdbx_entry_details.entry_id                   4CGC 
_pdbx_entry_details.compound_details           ? 
_pdbx_entry_details.source_details             ? 
_pdbx_entry_details.nonpolymer_details         ? 
_pdbx_entry_details.sequence_details           ? 
_pdbx_entry_details.has_ligand_of_interest     ? 
_pdbx_entry_details.has_protein_modification   Y 
# 
_pdbx_validate_close_contact.id               1 
_pdbx_validate_close_contact.PDB_model_num    1 
_pdbx_validate_close_contact.auth_atom_id_1   OE1 
_pdbx_validate_close_contact.auth_asym_id_1   A 
_pdbx_validate_close_contact.auth_comp_id_1   GLU 
_pdbx_validate_close_contact.auth_seq_id_1    28 
_pdbx_validate_close_contact.PDB_ins_code_1   ? 
_pdbx_validate_close_contact.label_alt_id_1   ? 
_pdbx_validate_close_contact.auth_atom_id_2   NH2 
_pdbx_validate_close_contact.auth_asym_id_2   C 
_pdbx_validate_close_contact.auth_comp_id_2   ARG 
_pdbx_validate_close_contact.auth_seq_id_2    23 
_pdbx_validate_close_contact.PDB_ins_code_2   ? 
_pdbx_validate_close_contact.label_alt_id_2   ? 
_pdbx_validate_close_contact.dist             2.13 
# 
loop_
_pdbx_struct_mod_residue.id 
_pdbx_struct_mod_residue.label_asym_id 
_pdbx_struct_mod_residue.label_comp_id 
_pdbx_struct_mod_residue.label_seq_id 
_pdbx_struct_mod_residue.auth_asym_id 
_pdbx_struct_mod_residue.auth_comp_id 
_pdbx_struct_mod_residue.auth_seq_id 
_pdbx_struct_mod_residue.PDB_ins_code 
_pdbx_struct_mod_residue.parent_comp_id 
_pdbx_struct_mod_residue.details 
1 A MSE 33 A MSE 38 ? MET SELENOMETHIONINE 
2 B MSE 33 B MSE 38 ? MET SELENOMETHIONINE 
3 C MSE 33 C MSE 38 ? MET SELENOMETHIONINE 
# 
loop_
_pdbx_unobs_or_zero_occ_residues.id 
_pdbx_unobs_or_zero_occ_residues.PDB_model_num 
_pdbx_unobs_or_zero_occ_residues.polymer_flag 
_pdbx_unobs_or_zero_occ_residues.occupancy_flag 
_pdbx_unobs_or_zero_occ_residues.auth_asym_id 
_pdbx_unobs_or_zero_occ_residues.auth_comp_id 
_pdbx_unobs_or_zero_occ_residues.auth_seq_id 
_pdbx_unobs_or_zero_occ_residues.PDB_ins_code 
_pdbx_unobs_or_zero_occ_residues.label_asym_id 
_pdbx_unobs_or_zero_occ_residues.label_comp_id 
_pdbx_unobs_or_zero_occ_residues.label_seq_id 
1  1 Y 1 A GLY 6  ? A GLY 1  
2  1 Y 1 A SER 7  ? A SER 2  
3  1 Y 1 A LEU 8  ? A LEU 3  
4  1 Y 1 A ASP 9  ? A ASP 4  
5  1 Y 1 A ASP 10 ? A ASP 5  
6  1 Y 1 A SER 11 ? A SER 6  
7  1 Y 1 A ILE 12 ? A ILE 7  
8  1 Y 1 A SER 13 ? A SER 8  
9  1 Y 1 A ALA 14 ? A ALA 9  
10 1 Y 1 A ALA 15 ? A ALA 10 
11 1 Y 1 A SER 16 ? A SER 11 
12 1 Y 1 A LEU 45 ? A LEU 40 
13 1 Y 1 A ALA 46 ? A ALA 41 
14 1 Y 1 A ASP 47 ? A ASP 42 
15 1 Y 1 A VAL 48 ? A VAL 43 
16 1 Y 1 A LEU 49 ? A LEU 44 
17 1 Y 1 A ARG 50 ? A ARG 45 
18 1 Y 1 A ARG 51 ? A ARG 46 
19 1 Y 1 A LEU 52 ? A LEU 47 
20 1 Y 1 A ALA 53 ? A ALA 48 
21 1 Y 1 A ILE 54 ? A ILE 49 
22 1 Y 1 A SER 55 ? A SER 50 
23 1 Y 1 A GLU 56 ? A GLU 51 
24 1 Y 1 A ASP 57 ? A ASP 52 
25 1 Y 1 A HIS 58 ? A HIS 53 
26 1 Y 1 A VAL 59 ? A VAL 54 
27 1 Y 1 A ALA 60 ? A ALA 55 
28 1 Y 1 A SER 61 ? A SER 56 
29 1 Y 1 A VAL 62 ? A VAL 57 
30 1 Y 1 A LYS 63 ? A LYS 58 
31 1 Y 1 A LYS 64 ? A LYS 59 
32 1 Y 1 B GLY 6  ? B GLY 1  
33 1 Y 1 B SER 7  ? B SER 2  
34 1 Y 1 B LEU 8  ? B LEU 3  
35 1 Y 1 B ASP 9  ? B ASP 4  
36 1 Y 1 B ASP 10 ? B ASP 5  
37 1 Y 1 B SER 11 ? B SER 6  
38 1 Y 1 B ILE 12 ? B ILE 7  
39 1 Y 1 B SER 13 ? B SER 8  
40 1 Y 1 B ALA 14 ? B ALA 9  
41 1 Y 1 B ALA 15 ? B ALA 10 
42 1 Y 1 B SER 16 ? B SER 11 
43 1 Y 1 B THR 17 ? B THR 12 
44 1 Y 1 B SER 18 ? B SER 13 
45 1 Y 1 B LEU 45 ? B LEU 40 
46 1 Y 1 B ALA 46 ? B ALA 41 
47 1 Y 1 B ASP 47 ? B ASP 42 
48 1 Y 1 B VAL 48 ? B VAL 43 
49 1 Y 1 B LEU 49 ? B LEU 44 
50 1 Y 1 B ARG 50 ? B ARG 45 
51 1 Y 1 B ARG 51 ? B ARG 46 
52 1 Y 1 B LEU 52 ? B LEU 47 
53 1 Y 1 B ALA 53 ? B ALA 48 
54 1 Y 1 B ILE 54 ? B ILE 49 
55 1 Y 1 B SER 55 ? B SER 50 
56 1 Y 1 B GLU 56 ? B GLU 51 
57 1 Y 1 B ASP 57 ? B ASP 52 
58 1 Y 1 B HIS 58 ? B HIS 53 
59 1 Y 1 B VAL 59 ? B VAL 54 
60 1 Y 1 B ALA 60 ? B ALA 55 
61 1 Y 1 B SER 61 ? B SER 56 
62 1 Y 1 B VAL 62 ? B VAL 57 
63 1 Y 1 B LYS 63 ? B LYS 58 
64 1 Y 1 B LYS 64 ? B LYS 59 
65 1 Y 1 C GLY 6  ? C GLY 1  
66 1 Y 1 C SER 7  ? C SER 2  
67 1 Y 1 C LEU 8  ? C LEU 3  
68 1 Y 1 C ASP 9  ? C ASP 4  
69 1 Y 1 C ASP 10 ? C ASP 5  
70 1 Y 1 C SER 11 ? C SER 6  
71 1 Y 1 C ILE 12 ? C ILE 7  
72 1 Y 1 C SER 13 ? C SER 8  
73 1 Y 1 C ALA 14 ? C ALA 9  
74 1 Y 1 C ALA 15 ? C ALA 10 
75 1 Y 1 C LEU 45 ? C LEU 40 
76 1 Y 1 C ALA 46 ? C ALA 41 
77 1 Y 1 C ASP 47 ? C ASP 42 
78 1 Y 1 C VAL 48 ? C VAL 43 
79 1 Y 1 C LEU 49 ? C LEU 44 
80 1 Y 1 C ARG 50 ? C ARG 45 
81 1 Y 1 C ARG 51 ? C ARG 46 
82 1 Y 1 C LEU 52 ? C LEU 47 
83 1 Y 1 C ALA 53 ? C ALA 48 
84 1 Y 1 C ILE 54 ? C ILE 49 
85 1 Y 1 C SER 55 ? C SER 50 
86 1 Y 1 C GLU 56 ? C GLU 51 
87 1 Y 1 C ASP 57 ? C ASP 52 
88 1 Y 1 C HIS 58 ? C HIS 53 
89 1 Y 1 C VAL 59 ? C VAL 54 
90 1 Y 1 C ALA 60 ? C ALA 55 
91 1 Y 1 C SER 61 ? C SER 56 
92 1 Y 1 C VAL 62 ? C VAL 57 
93 1 Y 1 C LYS 63 ? C LYS 58 
94 1 Y 1 C LYS 64 ? C LYS 59 
# 
loop_
_chem_comp_atom.comp_id 
_chem_comp_atom.atom_id 
_chem_comp_atom.type_symbol 
_chem_comp_atom.pdbx_aromatic_flag 
_chem_comp_atom.pdbx_stereo_config 
_chem_comp_atom.pdbx_ordinal 
ALA N    N  N N 1   
ALA CA   C  N S 2   
ALA C    C  N N 3   
ALA O    O  N N 4   
ALA CB   C  N N 5   
ALA OXT  O  N N 6   
ALA H    H  N N 7   
ALA H2   H  N N 8   
ALA HA   H  N N 9   
ALA HB1  H  N N 10  
ALA HB2  H  N N 11  
ALA HB3  H  N N 12  
ALA HXT  H  N N 13  
ARG N    N  N N 14  
ARG CA   C  N S 15  
ARG C    C  N N 16  
ARG O    O  N N 17  
ARG CB   C  N N 18  
ARG CG   C  N N 19  
ARG CD   C  N N 20  
ARG NE   N  N N 21  
ARG CZ   C  N N 22  
ARG NH1  N  N N 23  
ARG NH2  N  N N 24  
ARG OXT  O  N N 25  
ARG H    H  N N 26  
ARG H2   H  N N 27  
ARG HA   H  N N 28  
ARG HB2  H  N N 29  
ARG HB3  H  N N 30  
ARG HG2  H  N N 31  
ARG HG3  H  N N 32  
ARG HD2  H  N N 33  
ARG HD3  H  N N 34  
ARG HE   H  N N 35  
ARG HH11 H  N N 36  
ARG HH12 H  N N 37  
ARG HH21 H  N N 38  
ARG HH22 H  N N 39  
ARG HXT  H  N N 40  
ASP N    N  N N 41  
ASP CA   C  N S 42  
ASP C    C  N N 43  
ASP O    O  N N 44  
ASP CB   C  N N 45  
ASP CG   C  N N 46  
ASP OD1  O  N N 47  
ASP OD2  O  N N 48  
ASP OXT  O  N N 49  
ASP H    H  N N 50  
ASP H2   H  N N 51  
ASP HA   H  N N 52  
ASP HB2  H  N N 53  
ASP HB3  H  N N 54  
ASP HD2  H  N N 55  
ASP HXT  H  N N 56  
GLN N    N  N N 57  
GLN CA   C  N S 58  
GLN C    C  N N 59  
GLN O    O  N N 60  
GLN CB   C  N N 61  
GLN CG   C  N N 62  
GLN CD   C  N N 63  
GLN OE1  O  N N 64  
GLN NE2  N  N N 65  
GLN OXT  O  N N 66  
GLN H    H  N N 67  
GLN H2   H  N N 68  
GLN HA   H  N N 69  
GLN HB2  H  N N 70  
GLN HB3  H  N N 71  
GLN HG2  H  N N 72  
GLN HG3  H  N N 73  
GLN HE21 H  N N 74  
GLN HE22 H  N N 75  
GLN HXT  H  N N 76  
GLU N    N  N N 77  
GLU CA   C  N S 78  
GLU C    C  N N 79  
GLU O    O  N N 80  
GLU CB   C  N N 81  
GLU CG   C  N N 82  
GLU CD   C  N N 83  
GLU OE1  O  N N 84  
GLU OE2  O  N N 85  
GLU OXT  O  N N 86  
GLU H    H  N N 87  
GLU H2   H  N N 88  
GLU HA   H  N N 89  
GLU HB2  H  N N 90  
GLU HB3  H  N N 91  
GLU HG2  H  N N 92  
GLU HG3  H  N N 93  
GLU HE2  H  N N 94  
GLU HXT  H  N N 95  
GLY N    N  N N 96  
GLY CA   C  N N 97  
GLY C    C  N N 98  
GLY O    O  N N 99  
GLY OXT  O  N N 100 
GLY H    H  N N 101 
GLY H2   H  N N 102 
GLY HA2  H  N N 103 
GLY HA3  H  N N 104 
GLY HXT  H  N N 105 
HIS N    N  N N 106 
HIS CA   C  N S 107 
HIS C    C  N N 108 
HIS O    O  N N 109 
HIS CB   C  N N 110 
HIS CG   C  Y N 111 
HIS ND1  N  Y N 112 
HIS CD2  C  Y N 113 
HIS CE1  C  Y N 114 
HIS NE2  N  Y N 115 
HIS OXT  O  N N 116 
HIS H    H  N N 117 
HIS H2   H  N N 118 
HIS HA   H  N N 119 
HIS HB2  H  N N 120 
HIS HB3  H  N N 121 
HIS HD1  H  N N 122 
HIS HD2  H  N N 123 
HIS HE1  H  N N 124 
HIS HE2  H  N N 125 
HIS HXT  H  N N 126 
ILE N    N  N N 127 
ILE CA   C  N S 128 
ILE C    C  N N 129 
ILE O    O  N N 130 
ILE CB   C  N S 131 
ILE CG1  C  N N 132 
ILE CG2  C  N N 133 
ILE CD1  C  N N 134 
ILE OXT  O  N N 135 
ILE H    H  N N 136 
ILE H2   H  N N 137 
ILE HA   H  N N 138 
ILE HB   H  N N 139 
ILE HG12 H  N N 140 
ILE HG13 H  N N 141 
ILE HG21 H  N N 142 
ILE HG22 H  N N 143 
ILE HG23 H  N N 144 
ILE HD11 H  N N 145 
ILE HD12 H  N N 146 
ILE HD13 H  N N 147 
ILE HXT  H  N N 148 
LEU N    N  N N 149 
LEU CA   C  N S 150 
LEU C    C  N N 151 
LEU O    O  N N 152 
LEU CB   C  N N 153 
LEU CG   C  N N 154 
LEU CD1  C  N N 155 
LEU CD2  C  N N 156 
LEU OXT  O  N N 157 
LEU H    H  N N 158 
LEU H2   H  N N 159 
LEU HA   H  N N 160 
LEU HB2  H  N N 161 
LEU HB3  H  N N 162 
LEU HG   H  N N 163 
LEU HD11 H  N N 164 
LEU HD12 H  N N 165 
LEU HD13 H  N N 166 
LEU HD21 H  N N 167 
LEU HD22 H  N N 168 
LEU HD23 H  N N 169 
LEU HXT  H  N N 170 
LYS N    N  N N 171 
LYS CA   C  N S 172 
LYS C    C  N N 173 
LYS O    O  N N 174 
LYS CB   C  N N 175 
LYS CG   C  N N 176 
LYS CD   C  N N 177 
LYS CE   C  N N 178 
LYS NZ   N  N N 179 
LYS OXT  O  N N 180 
LYS H    H  N N 181 
LYS H2   H  N N 182 
LYS HA   H  N N 183 
LYS HB2  H  N N 184 
LYS HB3  H  N N 185 
LYS HG2  H  N N 186 
LYS HG3  H  N N 187 
LYS HD2  H  N N 188 
LYS HD3  H  N N 189 
LYS HE2  H  N N 190 
LYS HE3  H  N N 191 
LYS HZ1  H  N N 192 
LYS HZ2  H  N N 193 
LYS HZ3  H  N N 194 
LYS HXT  H  N N 195 
MSE N    N  N N 196 
MSE CA   C  N S 197 
MSE C    C  N N 198 
MSE O    O  N N 199 
MSE OXT  O  N N 200 
MSE CB   C  N N 201 
MSE CG   C  N N 202 
MSE SE   SE N N 203 
MSE CE   C  N N 204 
MSE H    H  N N 205 
MSE H2   H  N N 206 
MSE HA   H  N N 207 
MSE HXT  H  N N 208 
MSE HB2  H  N N 209 
MSE HB3  H  N N 210 
MSE HG2  H  N N 211 
MSE HG3  H  N N 212 
MSE HE1  H  N N 213 
MSE HE2  H  N N 214 
MSE HE3  H  N N 215 
SER N    N  N N 216 
SER CA   C  N S 217 
SER C    C  N N 218 
SER O    O  N N 219 
SER CB   C  N N 220 
SER OG   O  N N 221 
SER OXT  O  N N 222 
SER H    H  N N 223 
SER H2   H  N N 224 
SER HA   H  N N 225 
SER HB2  H  N N 226 
SER HB3  H  N N 227 
SER HG   H  N N 228 
SER HXT  H  N N 229 
THR N    N  N N 230 
THR CA   C  N S 231 
THR C    C  N N 232 
THR O    O  N N 233 
THR CB   C  N R 234 
THR OG1  O  N N 235 
THR CG2  C  N N 236 
THR OXT  O  N N 237 
THR H    H  N N 238 
THR H2   H  N N 239 
THR HA   H  N N 240 
THR HB   H  N N 241 
THR HG1  H  N N 242 
THR HG21 H  N N 243 
THR HG22 H  N N 244 
THR HG23 H  N N 245 
THR HXT  H  N N 246 
VAL N    N  N N 247 
VAL CA   C  N S 248 
VAL C    C  N N 249 
VAL O    O  N N 250 
VAL CB   C  N N 251 
VAL CG1  C  N N 252 
VAL CG2  C  N N 253 
VAL OXT  O  N N 254 
VAL H    H  N N 255 
VAL H2   H  N N 256 
VAL HA   H  N N 257 
VAL HB   H  N N 258 
VAL HG11 H  N N 259 
VAL HG12 H  N N 260 
VAL HG13 H  N N 261 
VAL HG21 H  N N 262 
VAL HG22 H  N N 263 
VAL HG23 H  N N 264 
VAL HXT  H  N N 265 
# 
loop_
_chem_comp_bond.comp_id 
_chem_comp_bond.atom_id_1 
_chem_comp_bond.atom_id_2 
_chem_comp_bond.value_order 
_chem_comp_bond.pdbx_aromatic_flag 
_chem_comp_bond.pdbx_stereo_config 
_chem_comp_bond.pdbx_ordinal 
ALA N   CA   sing N N 1   
ALA N   H    sing N N 2   
ALA N   H2   sing N N 3   
ALA CA  C    sing N N 4   
ALA CA  CB   sing N N 5   
ALA CA  HA   sing N N 6   
ALA C   O    doub N N 7   
ALA C   OXT  sing N N 8   
ALA CB  HB1  sing N N 9   
ALA CB  HB2  sing N N 10  
ALA CB  HB3  sing N N 11  
ALA OXT HXT  sing N N 12  
ARG N   CA   sing N N 13  
ARG N   H    sing N N 14  
ARG N   H2   sing N N 15  
ARG CA  C    sing N N 16  
ARG CA  CB   sing N N 17  
ARG CA  HA   sing N N 18  
ARG C   O    doub N N 19  
ARG C   OXT  sing N N 20  
ARG CB  CG   sing N N 21  
ARG CB  HB2  sing N N 22  
ARG CB  HB3  sing N N 23  
ARG CG  CD   sing N N 24  
ARG CG  HG2  sing N N 25  
ARG CG  HG3  sing N N 26  
ARG CD  NE   sing N N 27  
ARG CD  HD2  sing N N 28  
ARG CD  HD3  sing N N 29  
ARG NE  CZ   sing N N 30  
ARG NE  HE   sing N N 31  
ARG CZ  NH1  sing N N 32  
ARG CZ  NH2  doub N N 33  
ARG NH1 HH11 sing N N 34  
ARG NH1 HH12 sing N N 35  
ARG NH2 HH21 sing N N 36  
ARG NH2 HH22 sing N N 37  
ARG OXT HXT  sing N N 38  
ASP N   CA   sing N N 39  
ASP N   H    sing N N 40  
ASP N   H2   sing N N 41  
ASP CA  C    sing N N 42  
ASP CA  CB   sing N N 43  
ASP CA  HA   sing N N 44  
ASP C   O    doub N N 45  
ASP C   OXT  sing N N 46  
ASP CB  CG   sing N N 47  
ASP CB  HB2  sing N N 48  
ASP CB  HB3  sing N N 49  
ASP CG  OD1  doub N N 50  
ASP CG  OD2  sing N N 51  
ASP OD2 HD2  sing N N 52  
ASP OXT HXT  sing N N 53  
GLN N   CA   sing N N 54  
GLN N   H    sing N N 55  
GLN N   H2   sing N N 56  
GLN CA  C    sing N N 57  
GLN CA  CB   sing N N 58  
GLN CA  HA   sing N N 59  
GLN C   O    doub N N 60  
GLN C   OXT  sing N N 61  
GLN CB  CG   sing N N 62  
GLN CB  HB2  sing N N 63  
GLN CB  HB3  sing N N 64  
GLN CG  CD   sing N N 65  
GLN CG  HG2  sing N N 66  
GLN CG  HG3  sing N N 67  
GLN CD  OE1  doub N N 68  
GLN CD  NE2  sing N N 69  
GLN NE2 HE21 sing N N 70  
GLN NE2 HE22 sing N N 71  
GLN OXT HXT  sing N N 72  
GLU N   CA   sing N N 73  
GLU N   H    sing N N 74  
GLU N   H2   sing N N 75  
GLU CA  C    sing N N 76  
GLU CA  CB   sing N N 77  
GLU CA  HA   sing N N 78  
GLU C   O    doub N N 79  
GLU C   OXT  sing N N 80  
GLU CB  CG   sing N N 81  
GLU CB  HB2  sing N N 82  
GLU CB  HB3  sing N N 83  
GLU CG  CD   sing N N 84  
GLU CG  HG2  sing N N 85  
GLU CG  HG3  sing N N 86  
GLU CD  OE1  doub N N 87  
GLU CD  OE2  sing N N 88  
GLU OE2 HE2  sing N N 89  
GLU OXT HXT  sing N N 90  
GLY N   CA   sing N N 91  
GLY N   H    sing N N 92  
GLY N   H2   sing N N 93  
GLY CA  C    sing N N 94  
GLY CA  HA2  sing N N 95  
GLY CA  HA3  sing N N 96  
GLY C   O    doub N N 97  
GLY C   OXT  sing N N 98  
GLY OXT HXT  sing N N 99  
HIS N   CA   sing N N 100 
HIS N   H    sing N N 101 
HIS N   H2   sing N N 102 
HIS CA  C    sing N N 103 
HIS CA  CB   sing N N 104 
HIS CA  HA   sing N N 105 
HIS C   O    doub N N 106 
HIS C   OXT  sing N N 107 
HIS CB  CG   sing N N 108 
HIS CB  HB2  sing N N 109 
HIS CB  HB3  sing N N 110 
HIS CG  ND1  sing Y N 111 
HIS CG  CD2  doub Y N 112 
HIS ND1 CE1  doub Y N 113 
HIS ND1 HD1  sing N N 114 
HIS CD2 NE2  sing Y N 115 
HIS CD2 HD2  sing N N 116 
HIS CE1 NE2  sing Y N 117 
HIS CE1 HE1  sing N N 118 
HIS NE2 HE2  sing N N 119 
HIS OXT HXT  sing N N 120 
ILE N   CA   sing N N 121 
ILE N   H    sing N N 122 
ILE N   H2   sing N N 123 
ILE CA  C    sing N N 124 
ILE CA  CB   sing N N 125 
ILE CA  HA   sing N N 126 
ILE C   O    doub N N 127 
ILE C   OXT  sing N N 128 
ILE CB  CG1  sing N N 129 
ILE CB  CG2  sing N N 130 
ILE CB  HB   sing N N 131 
ILE CG1 CD1  sing N N 132 
ILE CG1 HG12 sing N N 133 
ILE CG1 HG13 sing N N 134 
ILE CG2 HG21 sing N N 135 
ILE CG2 HG22 sing N N 136 
ILE CG2 HG23 sing N N 137 
ILE CD1 HD11 sing N N 138 
ILE CD1 HD12 sing N N 139 
ILE CD1 HD13 sing N N 140 
ILE OXT HXT  sing N N 141 
LEU N   CA   sing N N 142 
LEU N   H    sing N N 143 
LEU N   H2   sing N N 144 
LEU CA  C    sing N N 145 
LEU CA  CB   sing N N 146 
LEU CA  HA   sing N N 147 
LEU C   O    doub N N 148 
LEU C   OXT  sing N N 149 
LEU CB  CG   sing N N 150 
LEU CB  HB2  sing N N 151 
LEU CB  HB3  sing N N 152 
LEU CG  CD1  sing N N 153 
LEU CG  CD2  sing N N 154 
LEU CG  HG   sing N N 155 
LEU CD1 HD11 sing N N 156 
LEU CD1 HD12 sing N N 157 
LEU CD1 HD13 sing N N 158 
LEU CD2 HD21 sing N N 159 
LEU CD2 HD22 sing N N 160 
LEU CD2 HD23 sing N N 161 
LEU OXT HXT  sing N N 162 
LYS N   CA   sing N N 163 
LYS N   H    sing N N 164 
LYS N   H2   sing N N 165 
LYS CA  C    sing N N 166 
LYS CA  CB   sing N N 167 
LYS CA  HA   sing N N 168 
LYS C   O    doub N N 169 
LYS C   OXT  sing N N 170 
LYS CB  CG   sing N N 171 
LYS CB  HB2  sing N N 172 
LYS CB  HB3  sing N N 173 
LYS CG  CD   sing N N 174 
LYS CG  HG2  sing N N 175 
LYS CG  HG3  sing N N 176 
LYS CD  CE   sing N N 177 
LYS CD  HD2  sing N N 178 
LYS CD  HD3  sing N N 179 
LYS CE  NZ   sing N N 180 
LYS CE  HE2  sing N N 181 
LYS CE  HE3  sing N N 182 
LYS NZ  HZ1  sing N N 183 
LYS NZ  HZ2  sing N N 184 
LYS NZ  HZ3  sing N N 185 
LYS OXT HXT  sing N N 186 
MSE N   CA   sing N N 187 
MSE N   H    sing N N 188 
MSE N   H2   sing N N 189 
MSE CA  C    sing N N 190 
MSE CA  CB   sing N N 191 
MSE CA  HA   sing N N 192 
MSE C   O    doub N N 193 
MSE C   OXT  sing N N 194 
MSE OXT HXT  sing N N 195 
MSE CB  CG   sing N N 196 
MSE CB  HB2  sing N N 197 
MSE CB  HB3  sing N N 198 
MSE CG  SE   sing N N 199 
MSE CG  HG2  sing N N 200 
MSE CG  HG3  sing N N 201 
MSE SE  CE   sing N N 202 
MSE CE  HE1  sing N N 203 
MSE CE  HE2  sing N N 204 
MSE CE  HE3  sing N N 205 
SER N   CA   sing N N 206 
SER N   H    sing N N 207 
SER N   H2   sing N N 208 
SER CA  C    sing N N 209 
SER CA  CB   sing N N 210 
SER CA  HA   sing N N 211 
SER C   O    doub N N 212 
SER C   OXT  sing N N 213 
SER CB  OG   sing N N 214 
SER CB  HB2  sing N N 215 
SER CB  HB3  sing N N 216 
SER OG  HG   sing N N 217 
SER OXT HXT  sing N N 218 
THR N   CA   sing N N 219 
THR N   H    sing N N 220 
THR N   H2   sing N N 221 
THR CA  C    sing N N 222 
THR CA  CB   sing N N 223 
THR CA  HA   sing N N 224 
THR C   O    doub N N 225 
THR C   OXT  sing N N 226 
THR CB  OG1  sing N N 227 
THR CB  CG2  sing N N 228 
THR CB  HB   sing N N 229 
THR OG1 HG1  sing N N 230 
THR CG2 HG21 sing N N 231 
THR CG2 HG22 sing N N 232 
THR CG2 HG23 sing N N 233 
THR OXT HXT  sing N N 234 
VAL N   CA   sing N N 235 
VAL N   H    sing N N 236 
VAL N   H2   sing N N 237 
VAL CA  C    sing N N 238 
VAL CA  CB   sing N N 239 
VAL CA  HA   sing N N 240 
VAL C   O    doub N N 241 
VAL C   OXT  sing N N 242 
VAL CB  CG1  sing N N 243 
VAL CB  CG2  sing N N 244 
VAL CB  HB   sing N N 245 
VAL CG1 HG11 sing N N 246 
VAL CG1 HG12 sing N N 247 
VAL CG1 HG13 sing N N 248 
VAL CG2 HG21 sing N N 249 
VAL CG2 HG22 sing N N 250 
VAL CG2 HG23 sing N N 251 
VAL OXT HXT  sing N N 252 
# 
_atom_sites.entry_id                    4CGC 
_atom_sites.fract_transf_matrix[1][1]   -0.01156124 
_atom_sites.fract_transf_matrix[1][2]   0.00851490 
_atom_sites.fract_transf_matrix[1][3]   -0.00365756 
_atom_sites.fract_transf_matrix[2][1]   0.00909961 
_atom_sites.fract_transf_matrix[2][2]   0.00932340 
_atom_sites.fract_transf_matrix[2][3]   -0.00705796 
_atom_sites.fract_transf_matrix[3][1]   -0.00234020 
_atom_sites.fract_transf_matrix[3][2]   -0.01034145 
_atom_sites.fract_transf_matrix[3][3]   -0.01667795 
_atom_sites.fract_transf_vector[1]      0.821132 
_atom_sites.fract_transf_vector[2]      0.631045 
_atom_sites.fract_transf_vector[3]      0.450299 
# 
loop_
_atom_type.symbol 
C  
N  
O  
SE 
# 
loop_
_atom_site.group_PDB 
_atom_site.id 
_atom_site.type_symbol 
_atom_site.label_atom_id 
_atom_site.label_alt_id 
_atom_site.label_comp_id 
_atom_site.label_asym_id 
_atom_site.label_entity_id 
_atom_site.label_seq_id 
_atom_site.pdbx_PDB_ins_code 
_atom_site.Cartn_x 
_atom_site.Cartn_y 
_atom_site.Cartn_z 
_atom_site.occupancy 
_atom_site.B_iso_or_equiv 
_atom_site.pdbx_formal_charge 
_atom_site.auth_seq_id 
_atom_site.auth_comp_id 
_atom_site.auth_asym_id 
_atom_site.auth_atom_id 
_atom_site.pdbx_PDB_model_num 
ATOM   1   N  N   . THR A 1 12 ? 0.616   -17.127 -13.893 1.00 84.40  ? 17 THR A N   1 
ATOM   2   C  CA  . THR A 1 12 ? 1.599   -16.822 -12.866 1.00 110.03 ? 17 THR A CA  1 
ATOM   3   C  C   . THR A 1 12 ? 2.251   -15.477 -13.131 1.00 111.77 ? 17 THR A C   1 
ATOM   4   O  O   . THR A 1 12 ? 2.747   -14.832 -12.208 1.00 101.29 ? 17 THR A O   1 
ATOM   5   C  CB  . THR A 1 12 ? 2.685   -17.917 -12.782 1.00 96.03  ? 17 THR A CB  1 
ATOM   6   N  N   . SER A 1 13 ? 2.254   -15.056 -14.397 1.00 105.80 ? 18 SER A N   1 
ATOM   7   C  CA  . SER A 1 13 ? 2.709   -13.731 -14.743 1.00 105.12 ? 18 SER A CA  1 
ATOM   8   C  C   . SER A 1 13 ? 1.776   -12.696 -14.141 1.00 99.13  ? 18 SER A C   1 
ATOM   9   O  O   . SER A 1 13 ? 2.230   -11.626 -13.744 1.00 95.72  ? 18 SER A O   1 
ATOM   10  C  CB  . SER A 1 13 ? 2.788   -13.556 -16.256 1.00 103.69 ? 18 SER A CB  1 
ATOM   11  O  OG  . SER A 1 13 ? 3.336   -12.292 -16.582 1.00 101.09 ? 18 SER A OG  1 
ATOM   12  N  N   . ASP A 1 14 ? 0.483   -13.021 -14.100 1.00 104.38 ? 19 ASP A N   1 
ATOM   13  C  CA  . ASP A 1 14 ? -0.515  -12.134 -13.525 1.00 108.56 ? 19 ASP A CA  1 
ATOM   14  C  C   . ASP A 1 14 ? -0.122  -11.894 -12.071 1.00 105.06 ? 19 ASP A C   1 
ATOM   15  O  O   . ASP A 1 14 ? -0.215  -10.774 -11.564 1.00 98.36  ? 19 ASP A O   1 
ATOM   16  C  CB  . ASP A 1 14 ? -1.914  -12.735 -13.636 1.00 102.46 ? 19 ASP A CB  1 
ATOM   17  C  CG  . ASP A 1 14 ? -3.004  -11.668 -13.577 1.00 116.64 ? 19 ASP A CG  1 
ATOM   18  O  OD1 . ASP A 1 14 ? -2.788  -10.548 -14.090 1.00 112.00 ? 19 ASP A OD1 1 
ATOM   19  O  OD2 . ASP A 1 14 ? -4.088  -11.940 -13.019 1.00 104.57 ? 19 ASP A OD2 1 
ATOM   20  N  N   . VAL A 1 15 ? 0.285   -12.965 -11.395 1.00 85.39  ? 20 VAL A N   1 
ATOM   21  C  CA  . VAL A 1 15 ? 0.795   -12.893 -10.041 1.00 89.62  ? 20 VAL A CA  1 
ATOM   22  C  C   . VAL A 1 15 ? 1.997   -11.957 -9.989  1.00 93.94  ? 20 VAL A C   1 
ATOM   23  O  O   . VAL A 1 15 ? 2.103   -11.133 -9.079  1.00 89.99  ? 20 VAL A O   1 
ATOM   24  C  CB  . VAL A 1 15 ? 1.192   -14.284 -9.518  1.00 86.21  ? 20 VAL A CB  1 
ATOM   25  C  CG1 . VAL A 1 15 ? 1.980   -14.151 -8.225  1.00 79.30  ? 20 VAL A CG1 1 
ATOM   26  C  CG2 . VAL A 1 15 ? -0.066  -15.120 -9.278  1.00 97.44  ? 20 VAL A CG2 1 
ATOM   27  N  N   . GLN A 1 16 ? 2.923   -12.090 -10.943 1.00 100.57 ? 21 GLN A N   1 
ATOM   28  C  CA  . GLN A 1 16 ? 4.095   -11.200 -10.971 1.00 100.40 ? 21 GLN A CA  1 
ATOM   29  C  C   . GLN A 1 16 ? 3.687   -9.764  -11.292 1.00 103.11 ? 21 GLN A C   1 
ATOM   30  O  O   . GLN A 1 16 ? 4.295   -8.811  -10.803 1.00 93.80  ? 21 GLN A O   1 
ATOM   31  C  CB  . GLN A 1 16 ? 5.144   -11.640 -12.011 1.00 101.56 ? 21 GLN A CB  1 
ATOM   32  C  CG  . GLN A 1 16 ? 6.580   -11.142 -11.780 1.00 112.83 ? 21 GLN A CG  1 
ATOM   33  C  CD  . GLN A 1 16 ? 7.342   -12.004 -10.780 1.00 109.31 ? 21 GLN A CD  1 
ATOM   34  O  OE1 . GLN A 1 16 ? 7.150   -13.223 -10.717 1.00 106.61 ? 21 GLN A OE1 1 
ATOM   35  N  NE2 . GLN A 1 16 ? 8.280   -11.383 -10.083 1.00 113.05 ? 21 GLN A NE2 1 
ATOM   36  N  N   . ASP A 1 17 ? 2.734   -9.627  -12.208 1.00 97.86  ? 22 ASP A N   1 
ATOM   37  C  CA  . ASP A 1 17 ? 2.198   -8.335  -12.647 1.00 93.34  ? 22 ASP A CA  1 
ATOM   38  C  C   . ASP A 1 17 ? 1.441   -7.629  -11.537 1.00 93.44  ? 22 ASP A C   1 
ATOM   39  O  O   . ASP A 1 17 ? 1.577   -6.425  -11.343 1.00 86.35  ? 22 ASP A O   1 
ATOM   40  C  CB  . ASP A 1 17 ? 1.298   -8.538  -13.864 1.00 91.50  ? 22 ASP A CB  1 
ATOM   41  C  CG  . ASP A 1 17 ? 2.114   -8.914  -15.099 1.00 111.77 ? 22 ASP A CG  1 
ATOM   42  O  OD1 . ASP A 1 17 ? 3.311   -8.550  -15.168 1.00 114.54 ? 22 ASP A OD1 1 
ATOM   43  O  OD2 . ASP A 1 17 ? 1.581   -9.640  -15.969 1.00 112.34 ? 22 ASP A OD2 1 
ATOM   44  N  N   . ARG A 1 18 ? 0.657   -8.410  -10.797 1.00 87.49  ? 23 ARG A N   1 
ATOM   45  C  CA  . ARG A 1 18 ? -0.131  -7.887  -9.689  1.00 83.73  ? 23 ARG A CA  1 
ATOM   46  C  C   . ARG A 1 18 ? 0.796   -7.389  -8.596  1.00 86.56  ? 23 ARG A C   1 
ATOM   47  O  O   . ARG A 1 18 ? 0.541   -6.364  -7.969  1.00 83.38  ? 23 ARG A O   1 
ATOM   48  C  CB  . ARG A 1 18 ? -1.071  -8.954  -9.122  1.00 92.69  ? 23 ARG A CB  1 
ATOM   49  C  CG  . ARG A 1 18 ? -2.391  -9.122  -9.855  1.00 97.02  ? 23 ARG A CG  1 
ATOM   50  C  CD  . ARG A 1 18 ? -3.184  -10.243 -9.198  1.00 96.14  ? 23 ARG A CD  1 
ATOM   51  N  NE  . ARG A 1 18 ? -4.184  -9.711  -8.273  1.00 109.75 ? 23 ARG A NE  1 
ATOM   52  C  CZ  . ARG A 1 18 ? -4.936  -10.452 -7.467  1.00 105.59 ? 23 ARG A CZ  1 
ATOM   53  N  NH1 . ARG A 1 18 ? -4.784  -11.772 -7.427  1.00 110.88 ? 23 ARG A NH1 1 
ATOM   54  N  NH2 . ARG A 1 18 ? -5.815  -9.867  -6.664  1.00 110.69 ? 23 ARG A NH2 1 
ATOM   55  N  N   . LEU A 1 19 ? 1.872   -8.139  -8.367  1.00 88.21  ? 24 LEU A N   1 
ATOM   56  C  CA  . LEU A 1 19 ? 2.902   -7.737  -7.419  1.00 73.54  ? 24 LEU A CA  1 
ATOM   57  C  C   . LEU A 1 19 ? 3.445   -6.356  -7.754  1.00 84.61  ? 24 LEU A C   1 
ATOM   58  O  O   . LEU A 1 19 ? 3.387   -5.443  -6.939  1.00 77.33  ? 24 LEU A O   1 
ATOM   59  C  CB  . LEU A 1 19 ? 4.043   -8.755  -7.409  1.00 74.63  ? 24 LEU A CB  1 
ATOM   60  C  CG  . LEU A 1 19 ? 4.272   -9.520  -6.109  1.00 77.87  ? 24 LEU A CG  1 
ATOM   61  C  CD1 . LEU A 1 19 ? 2.959   -9.687  -5.399  1.00 92.05  ? 24 LEU A CD1 1 
ATOM   62  C  CD2 . LEU A 1 19 ? 4.892   -10.878 -6.394  1.00 91.34  ? 24 LEU A CD2 1 
ATOM   63  N  N   . SER A 1 20 ? 3.925   -6.192  -8.984  1.00 87.42  ? 25 SER A N   1 
ATOM   64  C  CA  . SER A 1 20 ? 4.655   -4.987  -9.365  1.00 92.51  ? 25 SER A CA  1 
ATOM   65  C  C   . SER A 1 20 ? 3.722   -3.783  -9.391  1.00 89.46  ? 25 SER A C   1 
ATOM   66  O  O   . SER A 1 20 ? 4.138   -2.650  -9.133  1.00 85.73  ? 25 SER A O   1 
ATOM   67  C  CB  . SER A 1 20 ? 5.344   -5.169  -10.719 1.00 94.28  ? 25 SER A CB  1 
ATOM   68  O  OG  . SER A 1 20 ? 6.440   -4.279  -10.871 1.00 97.75  ? 25 SER A OG  1 
ATOM   69  N  N   . ALA A 1 21 ? 2.449   -4.032  -9.685  1.00 79.06  ? 26 ALA A N   1 
ATOM   70  C  CA  . ALA A 1 21 ? 1.470   -2.956  -9.733  1.00 66.02  ? 26 ALA A CA  1 
ATOM   71  C  C   . ALA A 1 21 ? 1.163   -2.482  -8.324  1.00 75.96  ? 26 ALA A C   1 
ATOM   72  O  O   . ALA A 1 21 ? 0.845   -1.318  -8.096  1.00 80.40  ? 26 ALA A O   1 
ATOM   73  C  CB  . ALA A 1 21 ? 0.205   -3.407  -10.437 1.00 71.71  ? 26 ALA A CB  1 
ATOM   74  N  N   . LEU A 1 22 ? 1.273   -3.404  -7.371  1.00 86.57  ? 27 LEU A N   1 
ATOM   75  C  CA  . LEU A 1 22 ? 1.044   -3.094  -5.967  1.00 70.78  ? 27 LEU A CA  1 
ATOM   76  C  C   . LEU A 1 22 ? 2.224   -2.336  -5.366  1.00 75.73  ? 27 LEU A C   1 
ATOM   77  O  O   . LEU A 1 22 ? 2.033   -1.373  -4.626  1.00 66.56  ? 27 LEU A O   1 
ATOM   78  C  CB  . LEU A 1 22 ? 0.772   -4.374  -5.173  1.00 77.21  ? 27 LEU A CB  1 
ATOM   79  C  CG  . LEU A 1 22 ? -0.694  -4.797  -5.037  1.00 79.37  ? 27 LEU A CG  1 
ATOM   80  C  CD1 . LEU A 1 22 ? -0.802  -6.216  -4.498  1.00 71.38  ? 27 LEU A CD1 1 
ATOM   81  C  CD2 . LEU A 1 22 ? -1.459  -3.823  -4.157  1.00 77.01  ? 27 LEU A CD2 1 
ATOM   82  N  N   . GLU A 1 23 ? 3.446   -2.762  -5.691  1.00 79.97  ? 28 GLU A N   1 
ATOM   83  C  CA  . GLU A 1 23 ? 4.633   -2.119  -5.137  1.00 69.25  ? 28 GLU A CA  1 
ATOM   84  C  C   . GLU A 1 23 ? 4.808   -0.737  -5.739  1.00 70.50  ? 28 GLU A C   1 
ATOM   85  O  O   . GLU A 1 23 ? 5.506   0.112   -5.181  1.00 77.21  ? 28 GLU A O   1 
ATOM   86  C  CB  . GLU A 1 23 ? 5.890   -2.957  -5.381  1.00 56.02  ? 28 GLU A CB  1 
ATOM   87  C  CG  . GLU A 1 23 ? 5.668   -4.445  -5.368  1.00 77.65  ? 28 GLU A CG  1 
ATOM   88  C  CD  . GLU A 1 23 ? 6.919   -5.230  -5.697  1.00 89.45  ? 28 GLU A CD  1 
ATOM   89  O  OE1 . GLU A 1 23 ? 7.202   -5.397  -6.901  1.00 95.07  ? 28 GLU A OE1 1 
ATOM   90  O  OE2 . GLU A 1 23 ? 7.601   -5.702  -4.761  1.00 83.10  ? 28 GLU A OE2 1 
ATOM   91  N  N   . SER A 1 24 ? 4.153   -0.511  -6.875  1.00 71.44  ? 29 SER A N   1 
ATOM   92  C  CA  . SER A 1 24 ? 4.149   0.794   -7.516  1.00 63.19  ? 29 SER A CA  1 
ATOM   93  C  C   . SER A 1 24 ? 3.203   1.733   -6.766  1.00 62.48  ? 29 SER A C   1 
ATOM   94  O  O   . SER A 1 24 ? 3.562   2.854   -6.421  1.00 65.62  ? 29 SER A O   1 
ATOM   95  C  CB  . SER A 1 24 ? 3.749   0.670   -8.990  1.00 61.19  ? 29 SER A CB  1 
ATOM   96  O  OG  . SER A 1 24 ? 3.823   1.922   -9.643  1.00 69.51  ? 29 SER A OG  1 
ATOM   97  N  N   . ARG A 1 25 ? 1.984   1.258   -6.525  1.00 73.30  ? 30 ARG A N   1 
ATOM   98  C  CA  . ARG A 1 25 ? 0.965   2.028   -5.814  1.00 75.58  ? 30 ARG A CA  1 
ATOM   99  C  C   . ARG A 1 25 ? 1.438   2.403   -4.416  1.00 70.98  ? 30 ARG A C   1 
ATOM   100 O  O   . ARG A 1 25 ? 1.232   3.521   -3.956  1.00 68.25  ? 30 ARG A O   1 
ATOM   101 C  CB  . ARG A 1 25 ? -0.344  1.229   -5.725  1.00 79.57  ? 30 ARG A CB  1 
ATOM   102 C  CG  . ARG A 1 25 ? -1.014  0.985   -7.062  1.00 66.81  ? 30 ARG A CG  1 
ATOM   103 C  CD  . ARG A 1 25 ? -2.222  0.045   -6.964  1.00 93.53  ? 30 ARG A CD  1 
ATOM   104 N  NE  . ARG A 1 25 ? -3.341  0.597   -6.200  1.00 104.41 ? 30 ARG A NE  1 
ATOM   105 C  CZ  . ARG A 1 25 ? -4.444  -0.081  -5.901  1.00 98.22  ? 30 ARG A CZ  1 
ATOM   106 N  NH1 . ARG A 1 25 ? -4.579  -1.336  -6.307  1.00 110.69 ? 30 ARG A NH1 1 
ATOM   107 N  NH2 . ARG A 1 25 ? -5.420  0.492   -5.209  1.00 110.69 ? 30 ARG A NH2 1 
ATOM   108 N  N   . VAL A 1 26 ? 2.109   1.462   -3.759  1.00 73.72  ? 31 VAL A N   1 
ATOM   109 C  CA  . VAL A 1 26 ? 2.541   1.659   -2.382  1.00 74.08  ? 31 VAL A CA  1 
ATOM   110 C  C   . VAL A 1 26 ? 3.656   2.703   -2.293  1.00 80.45  ? 31 VAL A C   1 
ATOM   111 O  O   . VAL A 1 26 ? 3.644   3.555   -1.399  1.00 76.40  ? 31 VAL A O   1 
ATOM   112 C  CB  . VAL A 1 26 ? 3.015   0.318   -1.767  1.00 77.72  ? 31 VAL A CB  1 
ATOM   113 C  CG1 . VAL A 1 26 ? 3.745   0.544   -0.462  1.00 76.03  ? 31 VAL A CG1 1 
ATOM   114 C  CG2 . VAL A 1 26 ? 1.832   -0.600  -1.555  1.00 70.23  ? 31 VAL A CG2 1 
ATOM   115 N  N   . GLN A 1 27 ? 4.597   2.661   -3.234  1.00 73.61  ? 32 GLN A N   1 
ATOM   116 C  CA  . GLN A 1 27 ? 5.668   3.649   -3.266  1.00 76.13  ? 32 GLN A CA  1 
ATOM   117 C  C   . GLN A 1 27 ? 5.098   5.028   -3.540  1.00 61.15  ? 32 GLN A C   1 
ATOM   118 O  O   . GLN A 1 27 ? 5.488   6.012   -2.916  1.00 72.77  ? 32 GLN A O   1 
ATOM   119 C  CB  . GLN A 1 27 ? 6.721   3.290   -4.314  1.00 77.15  ? 32 GLN A CB  1 
ATOM   120 C  CG  . GLN A 1 27 ? 7.911   4.226   -4.295  1.00 69.14  ? 32 GLN A CG  1 
ATOM   121 C  CD  . GLN A 1 27 ? 8.596   4.259   -2.945  1.00 74.00  ? 32 GLN A CD  1 
ATOM   122 O  OE1 . GLN A 1 27 ? 9.103   3.245   -2.472  1.00 83.10  ? 32 GLN A OE1 1 
ATOM   123 N  NE2 . GLN A 1 27 ? 8.606   5.426   -2.311  1.00 83.10  ? 32 GLN A NE2 1 
ATOM   124 N  N   . GLN A 1 28 ? 4.147   5.074   -4.466  1.00 68.11  ? 33 GLN A N   1 
ATOM   125 C  CA  . GLN A 1 28 ? 3.461   6.306   -4.847  1.00 74.99  ? 33 GLN A CA  1 
ATOM   126 C  C   . GLN A 1 28 ? 2.683   6.829   -3.655  1.00 65.91  ? 33 GLN A C   1 
ATOM   127 O  O   . GLN A 1 28 ? 2.610   8.035   -3.413  1.00 69.51  ? 33 GLN A O   1 
ATOM   128 C  CB  . GLN A 1 28 ? 2.534   6.058   -6.041  1.00 72.05  ? 33 GLN A CB  1 
ATOM   129 C  CG  . GLN A 1 28 ? 1.495   7.147   -6.324  1.00 91.20  ? 33 GLN A CG  1 
ATOM   130 C  CD  . GLN A 1 28 ? 2.097   8.490   -6.700  1.00 98.23  ? 33 GLN A CD  1 
ATOM   131 O  OE1 . GLN A 1 28 ? 2.986   8.570   -7.547  1.00 110.03 ? 33 GLN A OE1 1 
ATOM   132 N  NE2 . GLN A 1 28 ? 1.586   9.558   -6.097  1.00 91.58  ? 33 GLN A NE2 1 
ATOM   133 N  N   . GLN A 1 29 ? 2.117   5.893   -2.901  1.00 84.33  ? 34 GLN A N   1 
ATOM   134 C  CA  . GLN A 1 29 ? 1.364   6.213   -1.698  1.00 80.04  ? 34 GLN A CA  1 
ATOM   135 C  C   . GLN A 1 29 ? 2.287   6.745   -0.608  1.00 78.96  ? 34 GLN A C   1 
ATOM   136 O  O   . GLN A 1 29 ? 1.982   7.746   0.043   1.00 65.91  ? 34 GLN A O   1 
ATOM   137 C  CB  . GLN A 1 29 ? 0.639   4.965   -1.183  1.00 81.08  ? 34 GLN A CB  1 
ATOM   138 C  CG  . GLN A 1 29 ? -0.867  5.069   -1.128  1.00 82.57  ? 34 GLN A CG  1 
ATOM   139 C  CD  . GLN A 1 29 ? -1.326  6.262   -0.334  1.00 100.37 ? 34 GLN A CD  1 
ATOM   140 O  OE1 . GLN A 1 29 ? -1.821  7.243   -0.900  1.00 91.73  ? 34 GLN A OE1 1 
ATOM   141 N  NE2 . GLN A 1 29 ? -1.168  6.192   0.985   1.00 94.91  ? 34 GLN A NE2 1 
ATOM   142 N  N   . GLU A 1 30 ? 3.448   6.107   -0.464  1.00 84.33  ? 35 GLU A N   1 
ATOM   143 C  CA  . GLU A 1 30 ? 4.457   6.558   0.489   1.00 78.28  ? 35 GLU A CA  1 
ATOM   144 C  C   . GLU A 1 30 ? 5.000   7.929   0.106   1.00 77.42  ? 35 GLU A C   1 
ATOM   145 O  O   . GLU A 1 30 ? 5.217   8.778   0.968   1.00 83.89  ? 35 GLU A O   1 
ATOM   146 C  CB  . GLU A 1 30 ? 5.607   5.540   0.615   1.00 79.72  ? 35 GLU A CB  1 
ATOM   147 C  CG  . GLU A 1 30 ? 6.866   6.132   1.266   1.00 99.33  ? 35 GLU A CG  1 
ATOM   148 C  CD  . GLU A 1 30 ? 7.673   5.134   2.087   1.00 118.66 ? 35 GLU A CD  1 
ATOM   149 O  OE1 . GLU A 1 30 ? 8.075   4.075   1.549   1.00 115.33 ? 35 GLU A OE1 1 
ATOM   150 O  OE2 . GLU A 1 30 ? 7.907   5.427   3.283   1.00 110.89 ? 35 GLU A OE2 1 
ATOM   151 N  N   . ASP A 1 31 ? 5.158   8.168   -1.192  1.00 78.21  ? 36 ASP A N   1 
ATOM   152 C  CA  . ASP A 1 31 ? 5.664   9.452   -1.672  1.00 80.91  ? 36 ASP A CA  1 
ATOM   153 C  C   . ASP A 1 31 ? 4.675   10.570  -1.376  1.00 77.12  ? 36 ASP A C   1 
ATOM   154 O  O   . ASP A 1 31 ? 5.057   11.645  -0.918  1.00 83.18  ? 36 ASP A O   1 
ATOM   155 C  CB  . ASP A 1 31 ? 5.958   9.390   -3.170  1.00 64.48  ? 36 ASP A CB  1 
ATOM   156 C  CG  . ASP A 1 31 ? 7.225   8.623   -3.483  1.00 79.75  ? 36 ASP A CG  1 
ATOM   157 O  OD1 . ASP A 1 31 ? 8.084   8.488   -2.579  1.00 75.27  ? 36 ASP A OD1 1 
ATOM   158 O  OD2 . ASP A 1 31 ? 7.354   8.147   -4.632  1.00 87.79  ? 36 ASP A OD2 1 
ATOM   159 N  N   . GLU A 1 32 ? 3.401   10.315  -1.636  1.00 71.58  ? 37 GLU A N   1 
ATOM   160 C  CA  . GLU A 1 32 ? 2.352   11.270  -1.318  1.00 66.53  ? 37 GLU A CA  1 
ATOM   161 C  C   . GLU A 1 32 ? 2.334   11.688  0.170   1.00 80.06  ? 37 GLU A C   1 
ATOM   162 O  O   . GLU A 1 32 ? 2.076   12.846  0.485   1.00 89.80  ? 37 GLU A O   1 
ATOM   163 C  CB  . GLU A 1 32 ? 0.993   10.706  -1.714  1.00 75.37  ? 37 GLU A CB  1 
ATOM   164 C  CG  . GLU A 1 32 ? 0.173   11.671  -2.542  1.00 76.19  ? 37 GLU A CG  1 
ATOM   165 C  CD  . GLU A 1 32 ? -0.511  11.009  -3.719  1.00 91.80  ? 37 GLU A CD  1 
ATOM   166 O  OE1 . GLU A 1 32 ? 0.111   10.128  -4.347  1.00 90.73  ? 37 GLU A OE1 1 
ATOM   167 O  OE2 . GLU A 1 32 ? -1.667  11.375  -4.020  1.00 107.09 ? 37 GLU A OE2 1 
HETATM 168 N  N   . MSE A 1 33 ? 2.610   10.745  1.065   1.00 74.33  ? 38 MSE A N   1 
HETATM 169 C  CA  A MSE A 1 33 ? 2.600   11.047  2.499   0.45 86.57  ? 38 MSE A CA  1 
HETATM 170 C  CA  B MSE A 1 33 ? 2.604   11.047  2.504   0.55 89.18  ? 38 MSE A CA  1 
HETATM 171 C  C   . MSE A 1 33 ? 3.752   11.938  2.915   1.00 85.44  ? 38 MSE A C   1 
HETATM 172 O  O   . MSE A 1 33 ? 3.577   12.924  3.623   1.00 85.46  ? 38 MSE A O   1 
HETATM 173 C  CB  A MSE A 1 33 ? 2.608   9.749   3.303   0.45 94.88  ? 38 MSE A CB  1 
HETATM 174 C  CB  B MSE A 1 33 ? 2.632   9.761   3.335   0.55 92.98  ? 38 MSE A CB  1 
HETATM 175 C  CG  A MSE A 1 33 ? 1.473   8.827   2.924   0.45 105.79 ? 38 MSE A CG  1 
HETATM 176 C  CG  B MSE A 1 33 ? 1.265   9.254   3.805   0.55 106.65 ? 38 MSE A CG  1 
HETATM 177 SE SE  A MSE A 1 33 ? 1.429   7.158   3.896   0.45 172.47 ? 38 MSE A SE  1 
HETATM 178 SE SE  B MSE A 1 33 ? 0.323   10.456  5.014   0.55 172.47 ? 38 MSE A SE  1 
HETATM 179 C  CE  A MSE A 1 33 ? -0.505  7.023   4.129   0.45 101.57 ? 38 MSE A CE  1 
HETATM 180 C  CE  B MSE A 1 33 ? 1.832   11.118  6.045   0.55 95.30  ? 38 MSE A CE  1 
ATOM   181 N  N   . THR A 1 34 ? 4.981   11.583  2.467   1.00 85.73  ? 39 THR A N   1 
ATOM   182 C  CA  . THR A 1 34 ? 6.169   12.372  2.790   1.00 91.12  ? 39 THR A CA  1 
ATOM   183 C  C   . THR A 1 34 ? 5.971   13.828  2.363   1.00 98.79  ? 39 THR A C   1 
ATOM   184 O  O   . THR A 1 34 ? 6.427   14.749  3.056   1.00 95.69  ? 39 THR A O   1 
ATOM   185 C  CB  . THR A 1 34 ? 7.436   11.811  2.108   1.00 74.97  ? 39 THR A CB  1 
ATOM   186 O  OG1 . THR A 1 34 ? 7.341   12.016  0.698   1.00 91.47  ? 39 THR A OG1 1 
ATOM   187 C  CG2 . THR A 1 34 ? 7.574   10.321  2.388   1.00 70.71  ? 39 THR A CG2 1 
ATOM   188 N  N   . VAL A 1 35 ? 5.290   14.032  1.246   1.00 92.13  ? 40 VAL A N   1 
ATOM   189 C  CA  . VAL A 1 35 ? 4.990   15.387  0.793   1.00 90.44  ? 40 VAL A CA  1 
ATOM   190 C  C   . VAL A 1 35 ? 4.109   16.098  1.816   1.00 92.76  ? 40 VAL A C   1 
ATOM   191 O  O   . VAL A 1 35 ? 4.329   17.266  2.143   1.00 109.27 ? 40 VAL A O   1 
ATOM   192 C  CB  . VAL A 1 35 ? 4.271   15.392  -0.578  1.00 77.31  ? 40 VAL A CB  1 
ATOM   193 C  CG1 . VAL A 1 35 ? 3.829   16.794  -0.951  1.00 78.08  ? 40 VAL A CG1 1 
ATOM   194 C  CG2 . VAL A 1 35 ? 5.156   14.776  -1.649  1.00 72.37  ? 40 VAL A CG2 1 
ATOM   195 N  N   . LEU A 1 36 ? 3.093   15.401  2.298   1.00 84.48  ? 41 LEU A N   1 
ATOM   196 C  CA  . LEU A 1 36 ? 2.211   15.975  3.307   1.00 88.33  ? 41 LEU A CA  1 
ATOM   197 C  C   . LEU A 1 36 ? 2.892   16.174  4.672   1.00 101.12 ? 41 LEU A C   1 
ATOM   198 O  O   . LEU A 1 36 ? 2.666   17.197  5.331   1.00 90.94  ? 41 LEU A O   1 
ATOM   199 C  CB  . LEU A 1 36 ? 0.950   15.140  3.427   1.00 81.52  ? 41 LEU A CB  1 
ATOM   200 C  CG  . LEU A 1 36 ? -0.002  15.435  4.570   1.00 106.46 ? 41 LEU A CG  1 
ATOM   201 C  CD1 . LEU A 1 36 ? -0.554  16.836  4.508   1.00 114.83 ? 41 LEU A CD1 1 
ATOM   202 C  CD2 . LEU A 1 36 ? -1.092  14.429  4.360   1.00 98.96  ? 41 LEU A CD2 1 
ATOM   203 N  N   . LYS A 1 37 ? 3.730   15.225  5.085   1.00 83.25  ? 42 LYS A N   1 
ATOM   204 C  CA  . LYS A 1 37 ? 4.427   15.328  6.369   1.00 93.11  ? 42 LYS A CA  1 
ATOM   205 C  C   . LYS A 1 37 ? 5.234   16.626  6.417   1.00 107.28 ? 42 LYS A C   1 
ATOM   206 O  O   . LYS A 1 37 ? 5.570   17.115  7.496   1.00 108.02 ? 42 LYS A O   1 
ATOM   207 C  CB  . LYS A 1 37 ? 5.314   14.104  6.632   1.00 91.10  ? 42 LYS A CB  1 
ATOM   208 C  CG  . LYS A 1 37 ? 4.534   12.942  7.281   1.00 79.83  ? 42 LYS A CG  1 
ATOM   209 C  CD  . LYS A 1 37 ? 5.293   11.606  7.242   1.00 91.74  ? 42 LYS A CD  1 
ATOM   210 C  CE  . LYS A 1 37 ? 5.136   10.851  8.563   1.00 99.33  ? 42 LYS A CE  1 
ATOM   211 N  NZ  . LYS A 1 37 ? 6.420   10.252  9.020   1.00 89.96  ? 42 LYS A NZ  1 
ATOM   212 N  N   . ALA A 1 38 ? 5.541   17.165  5.238   1.00 95.64  ? 43 ALA A N   1 
ATOM   213 C  CA  . ALA A 1 38 ? 6.146   18.489  5.167   1.00 91.86  ? 43 ALA A CA  1 
ATOM   214 C  C   . ALA A 1 38 ? 5.144   19.528  5.702   1.00 98.55  ? 43 ALA A C   1 
ATOM   215 O  O   . ALA A 1 38 ? 5.447   20.244  6.669   1.00 98.00  ? 43 ALA A O   1 
ATOM   216 C  CB  . ALA A 1 38 ? 6.538   18.812  3.730   1.00 82.95  ? 43 ALA A CB  1 
ATOM   217 N  N   . ALA A 1 39 ? 3.964   19.591  5.087   1.00 97.59  ? 44 ALA A N   1 
ATOM   218 C  CA  . ALA A 1 39 ? 2.918   20.535  5.506   1.00 96.65  ? 44 ALA A CA  1 
ATOM   219 C  C   . ALA A 1 39 ? 2.289   20.060  6.821   1.00 97.92  ? 44 ALA A C   1 
ATOM   220 O  O   . ALA A 1 39 ? 2.966   19.959  7.854   1.00 97.93  ? 44 ALA A O   1 
ATOM   221 C  CB  . ALA A 1 39 ? 1.856   20.691  4.429   1.00 81.09  ? 44 ALA A CB  1 
ATOM   222 N  N   . ASP B 1 14 ? -4.737  -18.977 -2.336  1.00 83.56  ? 19 ASP B N   1 
ATOM   223 C  CA  . ASP B 1 14 ? -3.683  -18.973 -1.308  1.00 101.92 ? 19 ASP B CA  1 
ATOM   224 C  C   . ASP B 1 14 ? -2.932  -17.649 -1.334  1.00 101.16 ? 19 ASP B C   1 
ATOM   225 O  O   . ASP B 1 14 ? -3.207  -16.755 -0.530  1.00 88.17  ? 19 ASP B O   1 
ATOM   226 C  CB  . ASP B 1 14 ? -2.718  -20.136 -1.540  1.00 112.50 ? 19 ASP B CB  1 
ATOM   227 C  CG  . ASP B 1 14 ? -3.370  -21.490 -1.300  1.00 133.68 ? 19 ASP B CG  1 
ATOM   228 O  OD1 . ASP B 1 14 ? -4.574  -21.503 -0.966  1.00 136.40 ? 19 ASP B OD1 1 
ATOM   229 O  OD2 . ASP B 1 14 ? -2.701  -22.537 -1.410  1.00 127.53 ? 19 ASP B OD2 1 
ATOM   230 N  N   . VAL B 1 15 ? -1.981  -17.532 -2.264  1.00 100.38 ? 20 VAL B N   1 
ATOM   231 C  CA  . VAL B 1 15 ? -1.284  -16.274 -2.496  1.00 91.33  ? 20 VAL B CA  1 
ATOM   232 C  C   . VAL B 1 15 ? -2.279  -15.226 -2.958  1.00 89.65  ? 20 VAL B C   1 
ATOM   233 O  O   . VAL B 1 15 ? -2.246  -14.074 -2.533  1.00 102.07 ? 20 VAL B O   1 
ATOM   234 C  CB  . VAL B 1 15 ? -0.156  -16.421 -3.542  1.00 84.98  ? 20 VAL B CB  1 
ATOM   235 C  CG1 . VAL B 1 15 ? -0.084  -15.207 -4.470  1.00 81.62  ? 20 VAL B CG1 1 
ATOM   236 C  CG2 . VAL B 1 15 ? 1.178   -16.675 -2.843  1.00 95.23  ? 20 VAL B CG2 1 
ATOM   237 N  N   . GLN B 1 16 ? -3.168  -15.654 -3.843  1.00 79.75  ? 21 GLN B N   1 
ATOM   238 C  CA  . GLN B 1 16 ? -4.144  -14.776 -4.470  1.00 91.65  ? 21 GLN B CA  1 
ATOM   239 C  C   . GLN B 1 16 ? -5.088  -14.162 -3.442  1.00 88.13  ? 21 GLN B C   1 
ATOM   240 O  O   . GLN B 1 16 ? -5.620  -13.075 -3.656  1.00 97.00  ? 21 GLN B O   1 
ATOM   241 C  CB  . GLN B 1 16 ? -4.903  -15.518 -5.581  1.00 84.22  ? 21 GLN B CB  1 
ATOM   242 C  CG  . GLN B 1 16 ? -4.088  -15.615 -6.875  1.00 95.32  ? 21 GLN B CG  1 
ATOM   243 C  CD  . GLN B 1 16 ? -4.312  -16.894 -7.647  1.00 117.93 ? 21 GLN B CD  1 
ATOM   244 O  OE1 . GLN B 1 16 ? -5.401  -17.470 -7.612  1.00 120.72 ? 21 GLN B OE1 1 
ATOM   245 N  NE2 . GLN B 1 16 ? -3.266  -17.348 -8.348  1.00 106.57 ? 21 GLN B NE2 1 
ATOM   246 N  N   . ASP B 1 17 ? -5.345  -14.884 -2.348  1.00 88.93  ? 22 ASP B N   1 
ATOM   247 C  CA  . ASP B 1 17 ? -6.171  -14.325 -1.287  1.00 105.76 ? 22 ASP B CA  1 
ATOM   248 C  C   . ASP B 1 17 ? -5.432  -13.095 -0.778  1.00 94.43  ? 22 ASP B C   1 
ATOM   249 O  O   . ASP B 1 17 ? -6.009  -12.020 -0.598  1.00 86.99  ? 22 ASP B O   1 
ATOM   250 C  CB  . ASP B 1 17 ? -6.361  -15.318 -0.135  1.00 98.85  ? 22 ASP B CB  1 
ATOM   251 C  CG  . ASP B 1 17 ? -7.202  -16.525 -0.508  1.00 104.22 ? 22 ASP B CG  1 
ATOM   252 O  OD1 . ASP B 1 17 ? -7.998  -16.448 -1.467  1.00 99.79  ? 22 ASP B OD1 1 
ATOM   253 O  OD2 . ASP B 1 17 ? -7.082  -17.558 0.179   1.00 109.98 ? 22 ASP B OD2 1 
ATOM   254 N  N   . ARG B 1 18 ? -4.127  -13.273 -0.590  1.00 94.10  ? 23 ARG B N   1 
ATOM   255 C  CA  . ARG B 1 18 ? -3.220  -12.253 -0.065  1.00 90.95  ? 23 ARG B CA  1 
ATOM   256 C  C   . ARG B 1 18 ? -3.041  -11.060 -0.996  1.00 83.82  ? 23 ARG B C   1 
ATOM   257 O  O   . ARG B 1 18 ? -2.967  -9.921  -0.542  1.00 83.56  ? 23 ARG B O   1 
ATOM   258 C  CB  . ARG B 1 18 ? -1.854  -12.873 0.211   1.00 83.85  ? 23 ARG B CB  1 
ATOM   259 C  CG  . ARG B 1 18 ? -1.750  -13.589 1.528   1.00 84.61  ? 23 ARG B CG  1 
ATOM   260 C  CD  . ARG B 1 18 ? -0.408  -14.265 1.626   1.00 92.61  ? 23 ARG B CD  1 
ATOM   261 N  NE  . ARG B 1 18 ? 0.564   -13.524 2.419   1.00 91.54  ? 23 ARG B NE  1 
ATOM   262 C  CZ  . ARG B 1 18 ? 1.826   -13.906 2.561   1.00 83.88  ? 23 ARG B CZ  1 
ATOM   263 N  NH1 . ARG B 1 18 ? 2.253   -15.010 1.958   1.00 88.30  ? 23 ARG B NH1 1 
ATOM   264 N  NH2 . ARG B 1 18 ? 2.670   -13.196 3.300   1.00 83.15  ? 23 ARG B NH2 1 
ATOM   265 N  N   . LEU B 1 19 ? -2.917  -11.332 -2.288  1.00 93.92  ? 24 LEU B N   1 
ATOM   266 C  CA  . LEU B 1 19 ? -2.848  -10.270 -3.288  1.00 76.79  ? 24 LEU B CA  1 
ATOM   267 C  C   . LEU B 1 19 ? -4.069  -9.387  -3.146  1.00 81.16  ? 24 LEU B C   1 
ATOM   268 O  O   . LEU B 1 19 ? -3.975  -8.170  -3.023  1.00 83.69  ? 24 LEU B O   1 
ATOM   269 C  CB  . LEU B 1 19 ? -2.756  -10.829 -4.709  1.00 83.32  ? 24 LEU B CB  1 
ATOM   270 C  CG  . LEU B 1 19 ? -1.418  -11.461 -5.085  1.00 93.97  ? 24 LEU B CG  1 
ATOM   271 C  CD1 . LEU B 1 19 ? -1.309  -11.729 -6.579  1.00 88.63  ? 24 LEU B CD1 1 
ATOM   272 C  CD2 . LEU B 1 19 ? -0.312  -10.547 -4.623  1.00 87.20  ? 24 LEU B CD2 1 
ATOM   273 N  N   . SER B 1 20 ? -5.228  -10.033 -3.146  1.00 86.60  ? 25 SER B N   1 
ATOM   274 C  CA  . SER B 1 20 ? -6.503  -9.354  -3.273  1.00 85.54  ? 25 SER B CA  1 
ATOM   275 C  C   . SER B 1 20 ? -6.824  -8.555  -1.998  1.00 79.72  ? 25 SER B C   1 
ATOM   276 O  O   . SER B 1 20 ? -7.484  -7.517  -2.038  1.00 89.88  ? 25 SER B O   1 
ATOM   277 C  CB  . SER B 1 20 ? -7.588  -10.373 -3.609  1.00 84.97  ? 25 SER B CB  1 
ATOM   278 O  OG  . SER B 1 20 ? -8.616  -9.788  -4.389  1.00 89.11  ? 25 SER B OG  1 
ATOM   279 N  N   . ALA B 1 21 ? -6.337  -9.040  -0.859  1.00 77.58  ? 26 ALA B N   1 
ATOM   280 C  CA  . ALA B 1 21 ? -6.558  -8.354  0.412   1.00 77.08  ? 26 ALA B CA  1 
ATOM   281 C  C   . ALA B 1 21 ? -5.723  -7.089  0.445   1.00 79.51  ? 26 ALA B C   1 
ATOM   282 O  O   . ALA B 1 21 ? -6.079  -6.101  1.081   1.00 78.13  ? 26 ALA B O   1 
ATOM   283 C  CB  . ALA B 1 21 ? -6.218  -9.254  1.595   1.00 71.90  ? 26 ALA B CB  1 
ATOM   284 N  N   . LEU B 1 22 ? -4.596  -7.123  -0.269  1.00 89.43  ? 27 LEU B N   1 
ATOM   285 C  CA  . LEU B 1 22 ? -3.706  -5.975  -0.343  1.00 78.40  ? 27 LEU B CA  1 
ATOM   286 C  C   . LEU B 1 22 ? -4.257  -4.876  -1.253  1.00 87.21  ? 27 LEU B C   1 
ATOM   287 O  O   . LEU B 1 22 ? -4.173  -3.697  -0.919  1.00 86.93  ? 27 LEU B O   1 
ATOM   288 C  CB  . LEU B 1 22 ? -2.311  -6.400  -0.806  1.00 66.99  ? 27 LEU B CB  1 
ATOM   289 C  CG  . LEU B 1 22 ? -1.330  -6.739  0.321   1.00 74.62  ? 27 LEU B CG  1 
ATOM   290 C  CD1 . LEU B 1 22 ? -0.070  -7.418  -0.213  1.00 86.43  ? 27 LEU B CD1 1 
ATOM   291 C  CD2 . LEU B 1 22 ? -0.981  -5.502  1.129   1.00 69.31  ? 27 LEU B CD2 1 
ATOM   292 N  N   . GLU B 1 23 ? -4.839  -5.247  -2.398  1.00 81.06  ? 28 GLU B N   1 
ATOM   293 C  CA  . GLU B 1 23 ? -5.357  -4.230  -3.312  1.00 74.41  ? 28 GLU B CA  1 
ATOM   294 C  C   . GLU B 1 23 ? -6.593  -3.580  -2.698  1.00 82.98  ? 28 GLU B C   1 
ATOM   295 O  O   . GLU B 1 23 ? -7.024  -2.510  -3.129  1.00 102.41 ? 28 GLU B O   1 
ATOM   296 C  CB  . GLU B 1 23 ? -5.666  -4.797  -4.714  1.00 78.95  ? 28 GLU B CB  1 
ATOM   297 C  CG  . GLU B 1 23 ? -5.657  -6.312  -4.848  1.00 90.88  ? 28 GLU B CG  1 
ATOM   298 C  CD  . GLU B 1 23 ? -5.307  -6.791  -6.260  1.00 100.00 ? 28 GLU B CD  1 
ATOM   299 O  OE1 . GLU B 1 23 ? -4.109  -6.750  -6.617  1.00 102.59 ? 28 GLU B OE1 1 
ATOM   300 O  OE2 . GLU B 1 23 ? -6.217  -7.215  -7.009  1.00 102.60 ? 28 GLU B OE2 1 
ATOM   301 N  N   . SER B 1 24 ? -7.163  -4.225  -1.680  1.00 80.60  ? 29 SER B N   1 
ATOM   302 C  CA  . SER B 1 24 ? -8.270  -3.631  -0.945  1.00 89.42  ? 29 SER B CA  1 
ATOM   303 C  C   . SER B 1 24 ? -7.735  -2.548  -0.011  1.00 77.44  ? 29 SER B C   1 
ATOM   304 O  O   . SER B 1 24 ? -8.175  -1.401  -0.041  1.00 73.03  ? 29 SER B O   1 
ATOM   305 C  CB  . SER B 1 24 ? -9.029  -4.695  -0.142  1.00 79.38  ? 29 SER B CB  1 
ATOM   306 O  OG  . SER B 1 24 ? -9.199  -5.879  -0.902  1.00 96.78  ? 29 SER B OG  1 
ATOM   307 N  N   . ARG B 1 25 ? -6.756  -2.926  0.804   1.00 75.66  ? 30 ARG B N   1 
ATOM   308 C  CA  . ARG B 1 25 ? -6.149  -2.012  1.768   1.00 80.75  ? 30 ARG B CA  1 
ATOM   309 C  C   . ARG B 1 25 ? -5.488  -0.818  1.092   1.00 83.17  ? 30 ARG B C   1 
ATOM   310 O  O   . ARG B 1 25 ? -5.573  0.307   1.588   1.00 87.60  ? 30 ARG B O   1 
ATOM   311 C  CB  . ARG B 1 25 ? -5.139  -2.763  2.642   1.00 84.58  ? 30 ARG B CB  1 
ATOM   312 C  CG  . ARG B 1 25 ? -5.792  -3.809  3.536   1.00 88.73  ? 30 ARG B CG  1 
ATOM   313 C  CD  . ARG B 1 25 ? -4.774  -4.640  4.302   1.00 92.68  ? 30 ARG B CD  1 
ATOM   314 N  NE  . ARG B 1 25 ? -4.030  -3.843  5.271   1.00 95.12  ? 30 ARG B NE  1 
ATOM   315 C  CZ  . ARG B 1 25 ? -3.005  -4.297  5.981   1.00 97.91  ? 30 ARG B CZ  1 
ATOM   316 N  NH1 . ARG B 1 25 ? -2.589  -5.546  5.826   1.00 110.69 ? 30 ARG B NH1 1 
ATOM   317 N  NH2 . ARG B 1 25 ? -2.393  -3.502  6.844   1.00 110.69 ? 30 ARG B NH2 1 
ATOM   318 N  N   . VAL B 1 26 ? -4.834  -1.066  -0.043  1.00 86.58  ? 31 VAL B N   1 
ATOM   319 C  CA  . VAL B 1 26 ? -4.118  -0.017  -0.760  1.00 80.06  ? 31 VAL B CA  1 
ATOM   320 C  C   . VAL B 1 26 ? -5.129  0.939   -1.370  1.00 76.96  ? 31 VAL B C   1 
ATOM   321 O  O   . VAL B 1 26 ? -4.924  2.153   -1.365  1.00 80.06  ? 31 VAL B O   1 
ATOM   322 C  CB  . VAL B 1 26 ? -3.192  -0.591  -1.862  1.00 79.01  ? 31 VAL B CB  1 
ATOM   323 C  CG1 . VAL B 1 26 ? -2.680  0.517   -2.772  1.00 77.64  ? 31 VAL B CG1 1 
ATOM   324 C  CG2 . VAL B 1 26 ? -2.027  -1.322  -1.231  1.00 71.94  ? 31 VAL B CG2 1 
ATOM   325 N  N   . GLN B 1 27 ? -6.233  0.382   -1.860  1.00 78.61  ? 32 GLN B N   1 
ATOM   326 C  CA  . GLN B 1 27 ? -7.311  1.177   -2.435  1.00 82.42  ? 32 GLN B CA  1 
ATOM   327 C  C   . GLN B 1 27 ? -7.924  2.118   -1.411  1.00 74.56  ? 32 GLN B C   1 
ATOM   328 O  O   . GLN B 1 27 ? -8.182  3.280   -1.711  1.00 79.12  ? 32 GLN B O   1 
ATOM   329 C  CB  . GLN B 1 27 ? -8.403  0.263   -3.008  1.00 79.99  ? 32 GLN B CB  1 
ATOM   330 C  CG  . GLN B 1 27 ? -9.545  0.986   -3.717  1.00 84.56  ? 32 GLN B CG  1 
ATOM   331 C  CD  . GLN B 1 27 ? -9.093  1.817   -4.900  1.00 97.41  ? 32 GLN B CD  1 
ATOM   332 O  OE1 . GLN B 1 27 ? -8.562  1.291   -5.879  1.00 96.53  ? 32 GLN B OE1 1 
ATOM   333 N  NE2 . GLN B 1 27 ? -9.300  3.130   -4.819  1.00 83.79  ? 32 GLN B NE2 1 
ATOM   334 N  N   . GLN B 1 28 ? -8.157  1.621   -0.201  1.00 75.80  ? 33 GLN B N   1 
ATOM   335 C  CA  . GLN B 1 28 ? -8.722  2.458   0.851   1.00 89.23  ? 33 GLN B CA  1 
ATOM   336 C  C   . GLN B 1 28 ? -7.743  3.541   1.279   1.00 77.65  ? 33 GLN B C   1 
ATOM   337 O  O   . GLN B 1 28 ? -8.131  4.673   1.559   1.00 79.14  ? 33 GLN B O   1 
ATOM   338 C  CB  . GLN B 1 28 ? -9.161  1.615   2.052   1.00 91.02  ? 33 GLN B CB  1 
ATOM   339 C  CG  . GLN B 1 28 ? -10.371 0.717   1.769   1.00 94.73  ? 33 GLN B CG  1 
ATOM   340 C  CD  . GLN B 1 28 ? -11.250 1.228   0.625   1.00 112.02 ? 33 GLN B CD  1 
ATOM   341 O  OE1 . GLN B 1 28 ? -11.758 2.355   0.656   1.00 102.09 ? 33 GLN B OE1 1 
ATOM   342 N  NE2 . GLN B 1 28 ? -11.438 0.385   -0.390  1.00 104.18 ? 33 GLN B NE2 1 
ATOM   343 N  N   . GLN B 1 29 ? -6.465  3.185   1.335   1.00 78.45  ? 34 GLN B N   1 
ATOM   344 C  CA  . GLN B 1 29 ? -5.438  4.157   1.681   1.00 80.38  ? 34 GLN B CA  1 
ATOM   345 C  C   . GLN B 1 29 ? -5.310  5.149   0.541   1.00 67.56  ? 34 GLN B C   1 
ATOM   346 O  O   . GLN B 1 29 ? -5.084  6.336   0.749   1.00 67.32  ? 34 GLN B O   1 
ATOM   347 C  CB  . GLN B 1 29 ? -4.110  3.468   1.980   1.00 73.70  ? 34 GLN B CB  1 
ATOM   348 C  CG  . GLN B 1 29 ? -4.098  2.765   3.324   1.00 71.11  ? 34 GLN B CG  1 
ATOM   349 C  CD  . GLN B 1 29 ? -4.443  3.714   4.456   1.00 84.40  ? 34 GLN B CD  1 
ATOM   350 O  OE1 . GLN B 1 29 ? -3.814  4.751   4.601   1.00 89.92  ? 34 GLN B OE1 1 
ATOM   351 N  NE2 . GLN B 1 29 ? -5.460  3.376   5.245   1.00 85.34  ? 34 GLN B NE2 1 
ATOM   352 N  N   . GLU B 1 30 ? -5.450  4.644   -0.680  1.00 81.41  ? 35 GLU B N   1 
ATOM   353 C  CA  . GLU B 1 30 ? -5.482  5.507   -1.855  1.00 70.46  ? 35 GLU B CA  1 
ATOM   354 C  C   . GLU B 1 30 ? -6.705  6.408   -1.818  1.00 75.56  ? 35 GLU B C   1 
ATOM   355 O  O   . GLU B 1 30 ? -6.638  7.562   -2.218  1.00 84.00  ? 35 GLU B O   1 
ATOM   356 C  CB  . GLU B 1 30 ? -5.476  4.685   -3.145  1.00 74.90  ? 35 GLU B CB  1 
ATOM   357 C  CG  . GLU B 1 30 ? -4.126  4.634   -3.823  1.00 88.82  ? 35 GLU B CG  1 
ATOM   358 C  CD  . GLU B 1 30 ? -4.062  3.577   -4.905  1.00 85.72  ? 35 GLU B CD  1 
ATOM   359 O  OE1 . GLU B 1 30 ? -5.131  3.087   -5.323  1.00 89.23  ? 35 GLU B OE1 1 
ATOM   360 O  OE2 . GLU B 1 30 ? -2.943  3.224   -5.335  1.00 83.18  ? 35 GLU B OE2 1 
ATOM   361 N  N   . ASP B 1 31 ? -7.828  5.873   -1.344  1.00 88.29  ? 36 ASP B N   1 
ATOM   362 C  CA  . ASP B 1 31 ? -9.057  6.658   -1.218  1.00 71.32  ? 36 ASP B CA  1 
ATOM   363 C  C   . ASP B 1 31 ? -8.980  7.705   -0.123  1.00 72.58  ? 36 ASP B C   1 
ATOM   364 O  O   . ASP B 1 31 ? -9.327  8.862   -0.347  1.00 77.61  ? 36 ASP B O   1 
ATOM   365 C  CB  . ASP B 1 31 ? -10.272 5.762   -0.961  1.00 73.32  ? 36 ASP B CB  1 
ATOM   366 C  CG  . ASP B 1 31 ? -10.748 5.037   -2.207  1.00 87.45  ? 36 ASP B CG  1 
ATOM   367 O  OD1 . ASP B 1 31 ? -10.420 5.493   -3.327  1.00 87.30  ? 36 ASP B OD1 1 
ATOM   368 O  OD2 . ASP B 1 31 ? -11.467 4.022   -2.071  1.00 88.56  ? 36 ASP B OD2 1 
ATOM   369 N  N   . GLU B 1 32 ? -8.510  7.312   1.060   1.00 76.38  ? 37 GLU B N   1 
ATOM   370 C  CA  . GLU B 1 32 ? -8.382  8.277   2.149   1.00 81.02  ? 37 GLU B CA  1 
ATOM   371 C  C   . GLU B 1 32 ? -7.516  9.470   1.747   1.00 83.02  ? 37 GLU B C   1 
ATOM   372 O  O   . GLU B 1 32 ? -7.829  10.605  2.103   1.00 86.14  ? 37 GLU B O   1 
ATOM   373 C  CB  . GLU B 1 32 ? -7.832  7.628   3.425   1.00 78.09  ? 37 GLU B CB  1 
ATOM   374 C  CG  . GLU B 1 32 ? -8.909  6.939   4.273   1.00 90.21  ? 37 GLU B CG  1 
ATOM   375 C  CD  . GLU B 1 32 ? -8.338  6.165   5.452   1.00 107.58 ? 37 GLU B CD  1 
ATOM   376 O  OE1 . GLU B 1 32 ? -7.317  6.616   6.021   1.00 116.99 ? 37 GLU B OE1 1 
ATOM   377 O  OE2 . GLU B 1 32 ? -8.909  5.113   5.814   1.00 98.23  ? 37 GLU B OE2 1 
HETATM 378 N  N   . MSE B 1 33 ? -6.449  9.219   0.992   1.00 80.57  ? 38 MSE B N   1 
HETATM 379 C  CA  . MSE B 1 33 ? -5.573  10.292  0.527   1.00 79.17  ? 38 MSE B CA  1 
HETATM 380 C  C   . MSE B 1 33 ? -6.302  11.308  -0.350  1.00 89.48  ? 38 MSE B C   1 
HETATM 381 O  O   . MSE B 1 33 ? -6.122  12.516  -0.165  1.00 88.52  ? 38 MSE B O   1 
HETATM 382 C  CB  . MSE B 1 33 ? -4.376  9.727   -0.246  1.00 88.88  ? 38 MSE B CB  1 
HETATM 383 C  CG  . MSE B 1 33 ? -3.098  9.510   0.578   1.00 102.35 ? 38 MSE B CG  1 
HETATM 384 SE SE  . MSE B 1 33 ? -2.187  11.121  1.233   0.80 166.86 ? 38 MSE B SE  1 
HETATM 385 C  CE  . MSE B 1 33 ? -2.391  12.264  -0.310  1.00 94.02  ? 38 MSE B CE  1 
ATOM   386 N  N   . THR B 1 34 ? -7.113  10.840  -1.295  1.00 77.26  ? 39 THR B N   1 
ATOM   387 C  CA  . THR B 1 34 ? -7.749  11.762  -2.227  1.00 78.65  ? 39 THR B CA  1 
ATOM   388 C  C   . THR B 1 34 ? -8.703  12.625  -1.424  1.00 71.77  ? 39 THR B C   1 
ATOM   389 O  O   . THR B 1 34 ? -8.806  13.836  -1.629  1.00 79.11  ? 39 THR B O   1 
ATOM   390 C  CB  . THR B 1 34 ? -8.579  11.062  -3.319  1.00 81.65  ? 39 THR B CB  1 
ATOM   391 O  OG1 . THR B 1 34 ? -9.900  10.773  -2.833  1.00 86.54  ? 39 THR B OG1 1 
ATOM   392 C  CG2 . THR B 1 34 ? -7.868  9.815   -3.874  1.00 81.94  ? 39 THR B CG2 1 
ATOM   393 N  N   . VAL B 1 35 ? -9.387  11.972  -0.491  1.00 69.20  ? 40 VAL B N   1 
ATOM   394 C  CA  . VAL B 1 35 ? -10.338 12.637  0.390   1.00 78.75  ? 40 VAL B CA  1 
ATOM   395 C  C   . VAL B 1 35 ? -9.682  13.658  1.295   1.00 79.99  ? 40 VAL B C   1 
ATOM   396 O  O   . VAL B 1 35 ? -10.169 14.777  1.451   1.00 84.95  ? 40 VAL B O   1 
ATOM   397 C  CB  . VAL B 1 35 ? -11.088 11.625  1.275   1.00 77.56  ? 40 VAL B CB  1 
ATOM   398 C  CG1 . VAL B 1 35 ? -11.975 12.349  2.274   1.00 65.68  ? 40 VAL B CG1 1 
ATOM   399 C  CG2 . VAL B 1 35 ? -11.888 10.653  0.410   1.00 81.64  ? 40 VAL B CG2 1 
ATOM   400 N  N   . LEU B 1 36 ? -8.560  13.265  1.883   1.00 88.77  ? 41 LEU B N   1 
ATOM   401 C  CA  . LEU B 1 36 ? -7.836  14.154  2.769   1.00 79.77  ? 41 LEU B CA  1 
ATOM   402 C  C   . LEU B 1 36 ? -7.330  15.347  1.952   1.00 79.06  ? 41 LEU B C   1 
ATOM   403 O  O   . LEU B 1 36 ? -7.418  16.490  2.408   1.00 81.57  ? 41 LEU B O   1 
ATOM   404 C  CB  . LEU B 1 36 ? -6.695  13.407  3.441   1.00 81.07  ? 41 LEU B CB  1 
ATOM   405 C  CG  . LEU B 1 36 ? -5.733  14.182  4.330   1.00 86.01  ? 41 LEU B CG  1 
ATOM   406 C  CD1 . LEU B 1 36 ? -6.196  14.171  5.786   1.00 83.04  ? 41 LEU B CD1 1 
ATOM   407 C  CD2 . LEU B 1 36 ? -4.393  13.551  4.175   1.00 89.70  ? 41 LEU B CD2 1 
ATOM   408 N  N   . LYS B 1 37 ? -6.812  15.084  0.754   1.00 84.55  ? 42 LYS B N   1 
ATOM   409 C  CA  . LYS B 1 37 ? -6.342  16.162  -0.113  1.00 85.77  ? 42 LYS B CA  1 
ATOM   410 C  C   . LYS B 1 37 ? -7.511  17.076  -0.487  1.00 94.86  ? 42 LYS B C   1 
ATOM   411 O  O   . LYS B 1 37 ? -7.329  18.275  -0.696  1.00 103.71 ? 42 LYS B O   1 
ATOM   412 C  CB  . LYS B 1 37 ? -5.688  15.628  -1.395  1.00 75.82  ? 42 LYS B CB  1 
ATOM   413 C  CG  . LYS B 1 37 ? -4.240  15.206  -1.269  1.00 81.92  ? 42 LYS B CG  1 
ATOM   414 C  CD  . LYS B 1 37 ? -3.797  14.425  -2.508  1.00 87.64  ? 42 LYS B CD  1 
ATOM   415 C  CE  . LYS B 1 37 ? -2.372  14.806  -2.918  1.00 87.60  ? 42 LYS B CE  1 
ATOM   416 N  NZ  . LYS B 1 37 ? -2.220  14.994  -4.386  1.00 99.31  ? 42 LYS B NZ  1 
ATOM   417 N  N   . ALA B 1 38 ? -8.698  16.484  -0.607  1.00 84.82  ? 43 ALA B N   1 
ATOM   418 C  CA  . ALA B 1 38 ? -9.930  17.235  -0.845  1.00 82.13  ? 43 ALA B CA  1 
ATOM   419 C  C   . ALA B 1 38 ? -10.325 18.049  0.385   1.00 90.82  ? 43 ALA B C   1 
ATOM   420 O  O   . ALA B 1 38 ? -10.545 19.269  0.297   1.00 89.29  ? 43 ALA B O   1 
ATOM   421 C  CB  . ALA B 1 38 ? -11.060 16.291  -1.235  1.00 77.63  ? 43 ALA B CB  1 
ATOM   422 N  N   . ALA B 1 39 ? -10.445 17.366  1.518   1.00 97.00  ? 44 ALA B N   1 
ATOM   423 C  CA  . ALA B 1 39 ? -10.888 17.977  2.777   1.00 89.65  ? 44 ALA B CA  1 
ATOM   424 C  C   . ALA B 1 39 ? -9.845  18.951  3.356   1.00 86.02  ? 44 ALA B C   1 
ATOM   425 O  O   . ALA B 1 39 ? -8.820  19.237  2.722   1.00 91.08  ? 44 ALA B O   1 
ATOM   426 C  CB  . ALA B 1 39 ? -11.216 16.900  3.792   1.00 68.10  ? 44 ALA B CB  1 
ATOM   427 N  N   . SER C 1 11 ? 11.306  -19.587 -6.034  1.00 100.08 ? 16 SER C N   1 
ATOM   428 C  CA  . SER C 1 11 ? 10.599  -18.476 -6.658  1.00 100.60 ? 16 SER C CA  1 
ATOM   429 C  C   . SER C 1 11 ? 9.218   -18.271 -6.035  1.00 98.69  ? 16 SER C C   1 
ATOM   430 O  O   . SER C 1 11 ? 8.583   -17.239 -6.265  1.00 86.97  ? 16 SER C O   1 
ATOM   431 C  CB  . SER C 1 11 ? 10.469  -18.711 -8.160  1.00 89.16  ? 16 SER C CB  1 
ATOM   432 N  N   . THR C 1 12 ? 8.762   -19.246 -5.265  1.00 110.67 ? 17 THR C N   1 
ATOM   433 C  CA  . THR C 1 12 ? 7.535   -19.092 -4.500  1.00 99.61  ? 17 THR C CA  1 
ATOM   434 C  C   . THR C 1 12 ? 7.887   -18.451 -3.172  1.00 99.25  ? 17 THR C C   1 
ATOM   435 O  O   . THR C 1 12 ? 7.060   -17.801 -2.548  1.00 88.74  ? 17 THR C O   1 
ATOM   436 C  CB  . THR C 1 12 ? 6.822   -20.432 -4.267  1.00 84.02  ? 17 THR C CB  1 
ATOM   437 N  N   . SER C 1 13 ? 9.134   -18.643 -2.741  1.00 98.03  ? 18 SER C N   1 
ATOM   438 C  CA  . SER C 1 13 ? 9.655   -17.956 -1.574  1.00 98.64  ? 18 SER C CA  1 
ATOM   439 C  C   . SER C 1 13 ? 9.773   -16.465 -1.863  1.00 99.52  ? 18 SER C C   1 
ATOM   440 O  O   . SER C 1 13 ? 9.516   -15.637 -0.992  1.00 98.28  ? 18 SER C O   1 
ATOM   441 C  CB  . SER C 1 13 ? 11.009  -18.540 -1.157  1.00 78.88  ? 18 SER C CB  1 
ATOM   442 N  N   . ASP C 1 14 ? 10.188  -16.138 -3.091  1.00 99.48  ? 19 ASP C N   1 
ATOM   443 C  CA  . ASP C 1 14 ? 10.300  -14.742 -3.526  1.00 95.80  ? 19 ASP C CA  1 
ATOM   444 C  C   . ASP C 1 14 ? 8.936   -14.038 -3.516  1.00 91.43  ? 19 ASP C C   1 
ATOM   445 O  O   . ASP C 1 14 ? 8.810   -12.936 -2.987  1.00 94.33  ? 19 ASP C O   1 
ATOM   446 C  CB  . ASP C 1 14 ? 10.980  -14.647 -4.888  1.00 101.68 ? 19 ASP C CB  1 
ATOM   447 C  CG  . ASP C 1 14 ? 12.467  -15.010 -4.826  1.00 116.14 ? 19 ASP C CG  1 
ATOM   448 O  OD1 . ASP C 1 14 ? 12.955  -15.364 -3.731  1.00 106.14 ? 19 ASP C OD1 1 
ATOM   449 O  OD2 . ASP C 1 14 ? 13.164  -14.963 -5.859  1.00 108.32 ? 19 ASP C OD2 1 
ATOM   450 N  N   . VAL C 1 15 ? 7.922   -14.670 -4.105  1.00 90.47  ? 20 VAL C N   1 
ATOM   451 C  CA  . VAL C 1 15 ? 6.561   -14.127 -4.074  1.00 105.06 ? 20 VAL C CA  1 
ATOM   452 C  C   . VAL C 1 15 ? 6.131   -13.953 -2.618  1.00 93.75  ? 20 VAL C C   1 
ATOM   453 O  O   . VAL C 1 15 ? 5.555   -12.938 -2.236  1.00 83.77  ? 20 VAL C O   1 
ATOM   454 C  CB  . VAL C 1 15 ? 5.556   -15.056 -4.801  1.00 95.90  ? 20 VAL C CB  1 
ATOM   455 C  CG1 . VAL C 1 15 ? 4.119   -14.651 -4.465  1.00 84.91  ? 20 VAL C CG1 1 
ATOM   456 C  CG2 . VAL C 1 15 ? 5.782   -15.019 -6.316  1.00 88.55  ? 20 VAL C CG2 1 
ATOM   457 N  N   . GLN C 1 16 ? 6.472   -14.943 -1.815  1.00 94.67  ? 21 GLN C N   1 
ATOM   458 C  CA  . GLN C 1 16 ? 6.115   -15.010 -0.409  1.00 103.39 ? 21 GLN C CA  1 
ATOM   459 C  C   . GLN C 1 16 ? 6.774   -13.844 0.321   1.00 97.94  ? 21 GLN C C   1 
ATOM   460 O  O   . GLN C 1 16 ? 6.135   -13.142 1.122   1.00 78.48  ? 21 GLN C O   1 
ATOM   461 C  CB  . GLN C 1 16 ? 6.611   -16.348 0.169   1.00 97.43  ? 21 GLN C CB  1 
ATOM   462 C  CG  . GLN C 1 16 ? 5.803   -16.978 1.278   1.00 92.08  ? 21 GLN C CG  1 
ATOM   463 C  CD  . GLN C 1 16 ? 4.627   -17.774 0.728   1.00 108.56 ? 21 GLN C CD  1 
ATOM   464 O  OE1 . GLN C 1 16 ? 4.723   -18.382 -0.342  1.00 111.29 ? 21 GLN C OE1 1 
ATOM   465 N  NE2 . GLN C 1 16 ? 3.535   -17.799 1.484   1.00 103.88 ? 21 GLN C NE2 1 
ATOM   466 N  N   . ASP C 1 17 ? 8.046   -13.626 -0.003  1.00 86.09  ? 22 ASP C N   1 
ATOM   467 C  CA  . ASP C 1 17 ? 8.840   -12.541 0.561   1.00 95.34  ? 22 ASP C CA  1 
ATOM   468 C  C   . ASP C 1 17 ? 8.342   -11.175 0.117   1.00 95.43  ? 22 ASP C C   1 
ATOM   469 O  O   . ASP C 1 17 ? 8.241   -10.231 0.902   1.00 87.19  ? 22 ASP C O   1 
ATOM   470 C  CB  . ASP C 1 17 ? 10.315  -12.713 0.223   1.00 90.95  ? 22 ASP C CB  1 
ATOM   471 C  CG  . ASP C 1 17 ? 10.957  -13.896 0.940   1.00 107.03 ? 22 ASP C CG  1 
ATOM   472 O  OD1 . ASP C 1 17 ? 10.434  -14.309 2.001   1.00 98.50  ? 22 ASP C OD1 1 
ATOM   473 O  OD2 . ASP C 1 17 ? 11.991  -14.408 0.464   1.00 105.42 ? 22 ASP C OD2 1 
ATOM   474 N  N   . ARG C 1 18 ? 8.040   -11.071 -1.181  1.00 88.95  ? 23 ARG C N   1 
ATOM   475 C  CA  . ARG C 1 18 ? 7.580   -9.818  -1.755  1.00 76.25  ? 23 ARG C CA  1 
ATOM   476 C  C   . ARG C 1 18 ? 6.234   -9.476  -1.159  1.00 79.84  ? 23 ARG C C   1 
ATOM   477 O  O   . ARG C 1 18 ? 5.932   -8.312  -0.891  1.00 83.69  ? 23 ARG C O   1 
ATOM   478 C  CB  . ARG C 1 18 ? 7.457   -9.907  -3.272  1.00 78.65  ? 23 ARG C CB  1 
ATOM   479 C  CG  . ARG C 1 18 ? 8.748   -9.712  -4.027  1.00 80.84  ? 23 ARG C CG  1 
ATOM   480 C  CD  . ARG C 1 18 ? 8.468   -9.837  -5.505  1.00 90.34  ? 23 ARG C CD  1 
ATOM   481 N  NE  . ARG C 1 18 ? 8.417   -8.523  -6.130  1.00 87.97  ? 23 ARG C NE  1 
ATOM   482 C  CZ  . ARG C 1 18 ? 8.056   -8.306  -7.393  1.00 98.04  ? 23 ARG C CZ  1 
ATOM   483 N  NH1 . ARG C 1 18 ? 7.650   -9.318  -8.143  1.00 110.88 ? 23 ARG C NH1 1 
ATOM   484 N  NH2 . ARG C 1 18 ? 8.063   -7.076  -7.886  1.00 110.69 ? 23 ARG C NH2 1 
ATOM   485 N  N   . LEU C 1 19 ? 5.419   -10.508 -0.996  1.00 84.66  ? 24 LEU C N   1 
ATOM   486 C  CA  . LEU C 1 19 ? 4.119   -10.373 -0.351  1.00 88.25  ? 24 LEU C CA  1 
ATOM   487 C  C   . LEU C 1 19 ? 4.245   -9.778  1.042   1.00 91.23  ? 24 LEU C C   1 
ATOM   488 O  O   . LEU C 1 19 ? 3.665   -8.738  1.332   1.00 88.27  ? 24 LEU C O   1 
ATOM   489 C  CB  . LEU C 1 19 ? 3.423   -11.731 -0.267  1.00 88.65  ? 24 LEU C CB  1 
ATOM   490 C  CG  . LEU C 1 19 ? 2.115   -11.850 -1.042  1.00 99.16  ? 24 LEU C CG  1 
ATOM   491 C  CD1 . LEU C 1 19 ? 2.137   -10.897 -2.210  1.00 75.66  ? 24 LEU C CD1 1 
ATOM   492 C  CD2 . LEU C 1 19 ? 1.909   -13.282 -1.524  1.00 97.92  ? 24 LEU C CD2 1 
ATOM   493 N  N   . SER C 1 20 ? 5.062   -10.410 1.874   1.00 83.53  ? 25 SER C N   1 
ATOM   494 C  CA  . SER C 1 20 ? 5.106   -10.085 3.294   1.00 82.76  ? 25 SER C CA  1 
ATOM   495 C  C   . SER C 1 20 ? 5.674   -8.693  3.480   1.00 84.55  ? 25 SER C C   1 
ATOM   496 O  O   . SER C 1 20 ? 5.309   -7.976  4.412   1.00 81.13  ? 25 SER C O   1 
ATOM   497 C  CB  . SER C 1 20 ? 5.938   -11.123 4.060   1.00 89.50  ? 25 SER C CB  1 
ATOM   498 O  OG  . SER C 1 20 ? 5.596   -11.167 5.438   1.00 101.87 ? 25 SER C OG  1 
ATOM   499 N  N   . ALA C 1 21 ? 6.553   -8.296  2.564   1.00 84.01  ? 26 ALA C N   1 
ATOM   500 C  CA  . ALA C 1 21 ? 7.157   -6.976  2.637   1.00 82.46  ? 26 ALA C CA  1 
ATOM   501 C  C   . ALA C 1 21 ? 6.143   -5.916  2.241   1.00 78.96  ? 26 ALA C C   1 
ATOM   502 O  O   . ALA C 1 21 ? 6.176   -4.791  2.732   1.00 77.68  ? 26 ALA C O   1 
ATOM   503 C  CB  . ALA C 1 21 ? 8.386   -6.899  1.758   1.00 77.44  ? 26 ALA C CB  1 
ATOM   504 N  N   . LEU C 1 22 ? 5.207   -6.293  1.371   1.00 73.69  ? 27 LEU C N   1 
ATOM   505 C  CA  . LEU C 1 22 ? 4.174   -5.363  0.935   1.00 75.56  ? 27 LEU C CA  1 
ATOM   506 C  C   . LEU C 1 22 ? 3.142   -5.154  2.029   1.00 84.01  ? 27 LEU C C   1 
ATOM   507 O  O   . LEU C 1 22 ? 2.735   -4.023  2.292   1.00 78.77  ? 27 LEU C O   1 
ATOM   508 C  CB  . LEU C 1 22 ? 3.485   -5.847  -0.348  1.00 66.77  ? 27 LEU C CB  1 
ATOM   509 C  CG  . LEU C 1 22 ? 4.039   -5.359  -1.693  1.00 83.83  ? 27 LEU C CG  1 
ATOM   510 C  CD1 . LEU C 1 22 ? 3.440   -6.132  -2.867  1.00 80.85  ? 27 LEU C CD1 1 
ATOM   511 C  CD2 . LEU C 1 22 ? 3.831   -3.860  -1.861  1.00 69.98  ? 27 LEU C CD2 1 
ATOM   512 N  N   . GLU C 1 23 ? 2.745   -6.239  2.694   1.00 92.35  ? 28 GLU C N   1 
ATOM   513 C  CA  . GLU C 1 23 ? 1.724   -6.149  3.735   1.00 87.59  ? 28 GLU C CA  1 
ATOM   514 C  C   . GLU C 1 23 ? 2.289   -5.422  4.948   1.00 88.24  ? 28 GLU C C   1 
ATOM   515 O  O   . GLU C 1 23 ? 1.540   -4.875  5.760   1.00 88.52  ? 28 GLU C O   1 
ATOM   516 C  CB  . GLU C 1 23 ? 1.227   -7.544  4.135   1.00 79.04  ? 28 GLU C CB  1 
ATOM   517 C  CG  . GLU C 1 23 ? 1.237   -8.565  2.998   1.00 97.16  ? 28 GLU C CG  1 
ATOM   518 C  CD  . GLU C 1 23 ? 0.817   -9.967  3.421   1.00 89.24  ? 28 GLU C CD  1 
ATOM   519 O  OE1 . GLU C 1 23 ? 1.679   -10.713 3.935   1.00 85.00  ? 28 GLU C OE1 1 
ATOM   520 O  OE2 . GLU C 1 23 ? -0.356  -10.340 3.197   1.00 83.75  ? 28 GLU C OE2 1 
ATOM   521 N  N   . SER C 1 24 ? 3.616   -5.384  5.037   1.00 85.85  ? 29 SER C N   1 
ATOM   522 C  CA  . SER C 1 24 ? 4.302   -4.643  6.085   1.00 77.57  ? 29 SER C CA  1 
ATOM   523 C  C   . SER C 1 24 ? 4.280   -3.156  5.773   1.00 66.54  ? 29 SER C C   1 
ATOM   524 O  O   . SER C 1 24 ? 3.900   -2.344  6.611   1.00 68.52  ? 29 SER C O   1 
ATOM   525 C  CB  . SER C 1 24 ? 5.744   -5.140  6.246   1.00 91.49  ? 29 SER C CB  1 
ATOM   526 O  OG  . SER C 1 24 ? 6.401   -4.475  7.313   1.00 98.77  ? 29 SER C OG  1 
ATOM   527 N  N   . ARG C 1 25 ? 4.694   -2.815  4.555   1.00 72.81  ? 30 ARG C N   1 
ATOM   528 C  CA  . ARG C 1 25 ? 4.741   -1.427  4.115   1.00 72.85  ? 30 ARG C CA  1 
ATOM   529 C  C   . ARG C 1 25 ? 3.354   -0.793  4.172   1.00 83.39  ? 30 ARG C C   1 
ATOM   530 O  O   . ARG C 1 25 ? 3.210   0.359   4.586   1.00 85.53  ? 30 ARG C O   1 
ATOM   531 C  CB  . ARG C 1 25 ? 5.311   -1.332  2.693   1.00 73.08  ? 30 ARG C CB  1 
ATOM   532 C  CG  . ARG C 1 25 ? 6.767   -1.739  2.565   1.00 68.29  ? 30 ARG C CG  1 
ATOM   533 C  CD  . ARG C 1 25 ? 7.241   -1.778  1.111   1.00 73.14  ? 30 ARG C CD  1 
ATOM   534 N  NE  . ARG C 1 25 ? 7.251   -0.460  0.485   1.00 83.10  ? 30 ARG C NE  1 
ATOM   535 C  CZ  . ARG C 1 25 ? 7.519   -0.244  -0.799  1.00 96.89  ? 30 ARG C CZ  1 
ATOM   536 N  NH1 . ARG C 1 25 ? 7.809   -1.261  -1.601  1.00 110.69 ? 30 ARG C NH1 1 
ATOM   537 N  NH2 . ARG C 1 25 ? 7.514   0.989   -1.279  1.00 110.69 ? 30 ARG C NH2 1 
ATOM   538 N  N   . VAL C 1 26 ? 2.333   -1.556  3.779   1.00 78.91  ? 31 VAL C N   1 
ATOM   539 C  CA  . VAL C 1 26 ? 0.973   -1.021  3.702   1.00 69.92  ? 31 VAL C CA  1 
ATOM   540 C  C   . VAL C 1 26 ? 0.412   -0.755  5.092   1.00 66.13  ? 31 VAL C C   1 
ATOM   541 O  O   . VAL C 1 26 ? -0.239  0.262   5.331   1.00 79.26  ? 31 VAL C O   1 
ATOM   542 C  CB  . VAL C 1 26 ? 0.032   -1.986  2.956   1.00 65.26  ? 31 VAL C CB  1 
ATOM   543 C  CG1 . VAL C 1 26 ? -1.420  -1.556  3.107   1.00 68.70  ? 31 VAL C CG1 1 
ATOM   544 C  CG2 . VAL C 1 26 ? 0.401   -2.053  1.483   1.00 78.13  ? 31 VAL C CG2 1 
ATOM   545 N  N   . GLN C 1 27 ? 0.691   -1.661  6.021   1.00 74.50  ? 32 GLN C N   1 
ATOM   546 C  CA  . GLN C 1 27 ? 0.233   -1.477  7.394   1.00 85.85  ? 32 GLN C CA  1 
ATOM   547 C  C   . GLN C 1 27 ? 0.886   -0.244  8.000   1.00 75.97  ? 32 GLN C C   1 
ATOM   548 O  O   . GLN C 1 27 ? 0.234   0.523   8.702   1.00 84.87  ? 32 GLN C O   1 
ATOM   549 C  CB  . GLN C 1 27 ? 0.511   -2.718  8.254   1.00 80.58  ? 32 GLN C CB  1 
ATOM   550 C  CG  . GLN C 1 27 ? -0.058  -2.621  9.675   1.00 80.71  ? 32 GLN C CG  1 
ATOM   551 C  CD  . GLN C 1 27 ? -1.570  -2.402  9.710   1.00 99.12  ? 32 GLN C CD  1 
ATOM   552 O  OE1 . GLN C 1 27 ? -2.345  -3.236  9.239   1.00 109.96 ? 32 GLN C OE1 1 
ATOM   553 N  NE2 . GLN C 1 27 ? -1.986  -1.275  10.278  1.00 89.41  ? 32 GLN C NE2 1 
ATOM   554 N  N   . GLN C 1 28 ? 2.165   -0.037  7.714   1.00 73.19  ? 33 GLN C N   1 
ATOM   555 C  CA  . GLN C 1 28 ? 2.860   1.133   8.239   1.00 81.52  ? 33 GLN C CA  1 
ATOM   556 C  C   . GLN C 1 28 ? 2.245   2.413   7.670   1.00 86.22  ? 33 GLN C C   1 
ATOM   557 O  O   . GLN C 1 28 ? 2.137   3.414   8.371   1.00 75.88  ? 33 GLN C O   1 
ATOM   558 C  CB  . GLN C 1 28 ? 4.361   1.080   7.941   1.00 83.13  ? 33 GLN C CB  1 
ATOM   559 C  CG  . GLN C 1 28 ? 5.232   1.189   9.191   1.00 96.64  ? 33 GLN C CG  1 
ATOM   560 C  CD  . GLN C 1 28 ? 5.041   0.018   10.143  1.00 121.92 ? 33 GLN C CD  1 
ATOM   561 O  OE1 . GLN C 1 28 ? 5.097   -1.151  9.738   1.00 115.19 ? 33 GLN C OE1 1 
ATOM   562 N  NE2 . GLN C 1 28 ? 4.805   0.318   11.420  1.00 110.99 ? 33 GLN C NE2 1 
ATOM   563 N  N   . GLN C 1 29 ? 1.850   2.374   6.396   1.00 90.02  ? 34 GLN C N   1 
ATOM   564 C  CA  A GLN C 1 29 ? 1.154   3.500   5.776   0.52 86.37  ? 34 GLN C CA  1 
ATOM   565 C  CA  B GLN C 1 29 ? 1.156   3.501   5.778   0.48 87.90  ? 34 GLN C CA  1 
ATOM   566 C  C   . GLN C 1 29 ? -0.206  3.709   6.414   1.00 79.33  ? 34 GLN C C   1 
ATOM   567 O  O   . GLN C 1 29 ? -0.629  4.845   6.645   1.00 81.83  ? 34 GLN C O   1 
ATOM   568 C  CB  A GLN C 1 29 ? 0.973   3.269   4.278   0.52 87.89  ? 34 GLN C CB  1 
ATOM   569 C  CB  B GLN C 1 29 ? 0.978   3.273   4.278   0.48 101.69 ? 34 GLN C CB  1 
ATOM   570 C  CG  A GLN C 1 29 ? 2.191   3.562   3.442   0.52 96.58  ? 34 GLN C CG  1 
ATOM   571 C  CG  B GLN C 1 29 ? 2.268   3.174   3.495   0.48 95.45  ? 34 GLN C CG  1 
ATOM   572 C  CD  A GLN C 1 29 ? 2.073   2.988   2.046   0.52 86.74  ? 34 GLN C CD  1 
ATOM   573 C  CD  B GLN C 1 29 ? 3.001   4.496   3.406   0.48 98.35  ? 34 GLN C CD  1 
ATOM   574 O  OE1 A GLN C 1 29 ? 3.064   2.871   1.332   0.52 89.04  ? 34 GLN C OE1 1 
ATOM   575 O  OE1 B GLN C 1 29 ? 2.383   5.553   3.277   0.48 93.38  ? 34 GLN C OE1 1 
ATOM   576 N  NE2 A GLN C 1 29 ? 0.856   2.620   1.652   0.52 85.82  ? 34 GLN C NE2 1 
ATOM   577 N  NE2 B GLN C 1 29 ? 4.327   4.442   3.477   0.48 94.92  ? 34 GLN C NE2 1 
ATOM   578 N  N   . GLU C 1 30 ? -0.877  2.603   6.691   1.00 79.15  ? 35 GLU C N   1 
ATOM   579 C  CA  . GLU C 1 30 ? -2.221  2.622   7.237   1.00 66.99  ? 35 GLU C CA  1 
ATOM   580 C  C   . GLU C 1 30 ? -2.173  3.308   8.588   1.00 79.90  ? 35 GLU C C   1 
ATOM   581 O  O   . GLU C 1 30 ? -3.045  4.103   8.951   1.00 77.56  ? 35 GLU C O   1 
ATOM   582 C  CB  . GLU C 1 30 ? -2.735  1.191   7.376   1.00 68.65  ? 35 GLU C CB  1 
ATOM   583 C  CG  . GLU C 1 30 ? -4.113  0.929   6.836   1.00 85.33  ? 35 GLU C CG  1 
ATOM   584 C  CD  . GLU C 1 30 ? -4.265  -0.498  6.345   1.00 99.13  ? 35 GLU C CD  1 
ATOM   585 O  OE1 . GLU C 1 30 ? -4.003  -1.434  7.132   1.00 103.60 ? 35 GLU C OE1 1 
ATOM   586 O  OE2 . GLU C 1 30 ? -4.654  -0.684  5.174   1.00 99.95  ? 35 GLU C OE2 1 
ATOM   587 N  N   . ASP C 1 31 ? -1.100  3.001   9.304   1.00 85.47  ? 36 ASP C N   1 
ATOM   588 C  CA  . ASP C 1 31 ? -0.816  3.561   10.610  1.00 75.46  ? 36 ASP C CA  1 
ATOM   589 C  C   . ASP C 1 31 ? -0.410  5.027   10.471  1.00 77.82  ? 36 ASP C C   1 
ATOM   590 O  O   . ASP C 1 31 ? -0.877  5.881   11.222  1.00 70.22  ? 36 ASP C O   1 
ATOM   591 C  CB  . ASP C 1 31 ? 0.284   2.747   11.292  1.00 79.13  ? 36 ASP C CB  1 
ATOM   592 C  CG  . ASP C 1 31 ? -0.200  1.373   11.723  1.00 93.24  ? 36 ASP C CG  1 
ATOM   593 O  OD1 . ASP C 1 31 ? -1.431  1.190   11.849  1.00 89.74  ? 36 ASP C OD1 1 
ATOM   594 O  OD2 . ASP C 1 31 ? 0.650   0.472   11.920  1.00 99.39  ? 36 ASP C OD2 1 
ATOM   595 N  N   . GLU C 1 32 ? 0.455   5.308   9.501   1.00 80.72  ? 37 GLU C N   1 
ATOM   596 C  CA  . GLU C 1 32 ? 0.870   6.677   9.212   1.00 79.83  ? 37 GLU C CA  1 
ATOM   597 C  C   . GLU C 1 32 ? -0.353  7.558   8.954   1.00 84.99  ? 37 GLU C C   1 
ATOM   598 O  O   . GLU C 1 32 ? -0.434  8.685   9.446   1.00 88.75  ? 37 GLU C O   1 
ATOM   599 C  CB  . GLU C 1 32 ? 1.828   6.718   8.013   1.00 85.25  ? 37 GLU C CB  1 
ATOM   600 C  CG  . GLU C 1 32 ? 3.289   6.452   8.368   1.00 92.34  ? 37 GLU C CG  1 
ATOM   601 C  CD  . GLU C 1 32 ? 4.172   6.255   7.139   1.00 108.85 ? 37 GLU C CD  1 
ATOM   602 O  OE1 . GLU C 1 32 ? 3.900   6.885   6.094   1.00 117.76 ? 37 GLU C OE1 1 
ATOM   603 O  OE2 . GLU C 1 32 ? 5.153   5.481   7.220   1.00 92.22  ? 37 GLU C OE2 1 
HETATM 604 N  N   . MSE C 1 33 ? -1.305  7.023   8.196   1.00 78.48  ? 38 MSE C N   1 
HETATM 605 C  CA  . MSE C 1 33 ? -2.555  7.707   7.888   1.00 86.29  ? 38 MSE C CA  1 
HETATM 606 C  C   . MSE C 1 33 ? -3.385  8.092   9.111   1.00 92.74  ? 38 MSE C C   1 
HETATM 607 O  O   . MSE C 1 33 ? -3.730  9.260   9.298   1.00 97.99  ? 38 MSE C O   1 
HETATM 608 C  CB  . MSE C 1 33 ? -3.413  6.829   6.985   1.00 99.23  ? 38 MSE C CB  1 
HETATM 609 C  CG  . MSE C 1 33 ? -3.820  7.499   5.687   1.00 109.50 ? 38 MSE C CG  1 
HETATM 610 SE SE  . MSE C 1 33 ? -4.380  9.344   5.873   0.78 172.47 ? 38 MSE C SE  1 
HETATM 611 C  CE  . MSE C 1 33 ? -3.702  9.960   4.166   1.00 98.64  ? 38 MSE C CE  1 
ATOM   612 N  N   . THR C 1 34 ? -3.750  7.098   9.914   1.00 78.17  ? 39 THR C N   1 
ATOM   613 C  CA  . THR C 1 34 ? -4.576  7.335   11.094  1.00 85.08  ? 39 THR C CA  1 
ATOM   614 C  C   . THR C 1 34 ? -3.958  8.376   12.033  1.00 81.99  ? 39 THR C C   1 
ATOM   615 O  O   . THR C 1 34 ? -4.668  9.182   12.635  1.00 83.14  ? 39 THR C O   1 
ATOM   616 C  CB  . THR C 1 34 ? -4.856  6.033   11.877  1.00 86.61  ? 39 THR C CB  1 
ATOM   617 O  OG1 . THR C 1 34 ? -3.638  5.577   12.485  1.00 101.38 ? 39 THR C OG1 1 
ATOM   618 C  CG2 . THR C 1 34 ? -5.380  4.942   10.955  1.00 70.77  ? 39 THR C CG2 1 
ATOM   619 N  N   . VAL C 1 35 ? -2.626  8.353   12.150  1.00 80.28  ? 40 VAL C N   1 
ATOM   620 C  CA  . VAL C 1 35 ? -1.916  9.312   12.989  1.00 87.16  ? 40 VAL C CA  1 
ATOM   621 C  C   . VAL C 1 35 ? -2.117  10.741  12.497  1.00 82.87  ? 40 VAL C C   1 
ATOM   622 O  O   . VAL C 1 35 ? -2.352  11.658  13.297  1.00 90.00  ? 40 VAL C O   1 
ATOM   623 C  CB  . VAL C 1 35 ? -0.407  8.982   13.038  1.00 96.72  ? 40 VAL C CB  1 
ATOM   624 C  CG1 . VAL C 1 35 ? 0.372   10.076  13.748  1.00 81.99  ? 40 VAL C CG1 1 
ATOM   625 C  CG2 . VAL C 1 35 ? -0.201  7.626   13.680  1.00 73.11  ? 40 VAL C CG2 1 
ATOM   626 N  N   . LEU C 1 36 ? -2.020  10.924  11.191  1.00 86.81  ? 41 LEU C N   1 
ATOM   627 C  CA  . LEU C 1 36 ? -2.241  12.230  10.585  1.00 88.72  ? 41 LEU C CA  1 
ATOM   628 C  C   . LEU C 1 36 ? -3.682  12.689  10.772  1.00 97.87  ? 41 LEU C C   1 
ATOM   629 O  O   . LEU C 1 36 ? -3.933  13.814  11.225  1.00 93.80  ? 41 LEU C O   1 
ATOM   630 C  CB  . LEU C 1 36 ? -1.936  12.183  9.106   1.00 83.24  ? 41 LEU C CB  1 
ATOM   631 C  CG  . LEU C 1 36 ? -2.404  13.426  8.363   1.00 105.29 ? 41 LEU C CG  1 
ATOM   632 C  CD1 . LEU C 1 36 ? -1.561  14.674  8.612   1.00 103.11 ? 41 LEU C CD1 1 
ATOM   633 C  CD2 . LEU C 1 36 ? -2.530  13.037  6.901   1.00 114.74 ? 41 LEU C CD2 1 
ATOM   634 N  N   . LYS C 1 37 ? -4.623  11.786  10.495  1.00 86.74  ? 42 LYS C N   1 
ATOM   635 C  CA  . LYS C 1 37 ? -6.037  12.108  10.605  1.00 81.16  ? 42 LYS C CA  1 
ATOM   636 C  C   . LYS C 1 37 ? -6.298  12.520  12.036  1.00 89.68  ? 42 LYS C C   1 
ATOM   637 O  O   . LYS C 1 37 ? -7.122  13.396  12.302  1.00 93.34  ? 42 LYS C O   1 
ATOM   638 C  CB  . LYS C 1 37 ? -6.899  10.917  10.201  1.00 87.86  ? 42 LYS C CB  1 
ATOM   639 C  CG  . LYS C 1 37 ? -7.132  10.796  8.710   1.00 77.80  ? 42 LYS C CG  1 
ATOM   640 C  CD  . LYS C 1 37 ? -7.632  9.396   8.376   1.00 98.20  ? 42 LYS C CD  1 
ATOM   641 C  CE  . LYS C 1 37 ? -8.744  9.388   7.332   1.00 93.79  ? 42 LYS C CE  1 
ATOM   642 N  NZ  . LYS C 1 37 ? -9.799  8.401   7.700   1.00 101.74 ? 42 LYS C NZ  1 
ATOM   643 N  N   . ALA C 1 38 ? -5.563  11.906  12.944  1.00 97.50  ? 43 ALA C N   1 
ATOM   644 C  CA  . ALA C 1 38 ? -5.566  12.309  14.335  1.00 98.09  ? 43 ALA C CA  1 
ATOM   645 C  C   . ALA C 1 38 ? -4.931  13.692  14.492  1.00 94.26  ? 43 ALA C C   1 
ATOM   646 O  O   . ALA C 1 38 ? -5.522  14.596  15.069  1.00 97.10  ? 43 ALA C O   1 
ATOM   647 C  CB  . ALA C 1 38 ? -4.869  11.279  15.198  1.00 82.22  ? 43 ALA C CB  1 
ATOM   648 N  N   . ALA C 1 39 ? -3.678  13.820  14.024  1.00 83.93  ? 44 ALA C N   1 
ATOM   649 C  CA  . ALA C 1 39 ? -2.911  15.053  14.147  1.00 85.32  ? 44 ALA C CA  1 
ATOM   650 C  C   . ALA C 1 39 ? -3.359  16.160  13.179  1.00 86.96  ? 44 ALA C C   1 
ATOM   651 O  O   . ALA C 1 39 ? -2.554  16.677  12.400  1.00 93.26  ? 44 ALA C O   1 
ATOM   652 C  CB  . ALA C 1 39 ? -1.420  14.738  13.963  1.00 81.94  ? 44 ALA C CB  1 
# 
